data_4NBU
#
_entry.id   4NBU
#
_cell.length_a   63.412
_cell.length_b   68.774
_cell.length_c   70.000
_cell.angle_alpha   67.85
_cell.angle_beta   88.65
_cell.angle_gamma   62.64
#
_symmetry.space_group_name_H-M   'P 1'
#
loop_
_entity.id
_entity.type
_entity.pdbx_description
1 polymer '3-oxoacyl-(Acyl-carrier-protein) reductase'
2 non-polymer '1,4-DIHYDRONICOTINAMIDE ADENINE DINUCLEOTIDE'
3 non-polymer 'ACETOACETYL-COENZYME A'
4 water water
#
_entity_poly.entity_id   1
_entity_poly.type   'polypeptide(L)'
_entity_poly.pdbx_seq_one_letter_code
;MHHHHHHMSRLQDKVAIITGAANGIGLEAARVFMKEGAKVVIADFNEAAGKEAVEANPGVVFIRVDVSDRESVHRLVENV
AERFGKIDILINNAGITRDSMLSKMTVDQFQQVINVNLTGVFHCTQAVLPYMAEQGKGKIINTSSVTGTYGNVGQTNYAA
AKAGVIGMTKTWAKELARKGINVNAVAPGFTETAMVAEVPEKVIEKMKAQVPMGRLGKPEDIANAYLFLASHESDYVNGH
VLHVDGGIMM
;
_entity_poly.pdbx_strand_id   A,B,C,D
#
loop_
_chem_comp.id
_chem_comp.type
_chem_comp.name
_chem_comp.formula
CAA non-polymer 'ACETOACETYL-COENZYME A' 'C25 H40 N7 O18 P3 S'
NAI non-polymer '1,4-DIHYDRONICOTINAMIDE ADENINE DINUCLEOTIDE' 'C21 H29 N7 O14 P2'
#
# COMPACT_ATOMS: atom_id res chain seq x y z
N SER A 9 3.66 20.37 27.30
CA SER A 9 3.15 21.52 26.54
C SER A 9 3.66 21.50 25.09
N ARG A 10 3.45 20.37 24.44
CA ARG A 10 3.88 20.20 23.05
C ARG A 10 3.15 21.10 22.07
N LEU A 11 1.99 21.62 22.48
CA LEU A 11 1.19 22.46 21.61
C LEU A 11 0.96 23.84 22.22
N GLN A 12 1.93 24.30 23.01
CA GLN A 12 1.75 25.55 23.76
C GLN A 12 1.34 26.73 22.89
N ASP A 13 0.17 27.29 23.21
CA ASP A 13 -0.40 28.47 22.56
C ASP A 13 -0.78 28.27 21.09
N LYS A 14 -0.80 27.03 20.64
CA LYS A 14 -1.23 26.73 19.27
C LYS A 14 -2.74 26.74 19.19
N VAL A 15 -3.28 27.38 18.16
CA VAL A 15 -4.73 27.39 17.96
C VAL A 15 -5.15 26.19 17.11
N ALA A 16 -6.00 25.34 17.66
CA ALA A 16 -6.46 24.14 16.96
C ALA A 16 -7.97 24.10 16.80
N ILE A 17 -8.42 23.96 15.56
CA ILE A 17 -9.82 23.71 15.28
C ILE A 17 -9.98 22.22 15.09
N ILE A 18 -10.85 21.60 15.90
CA ILE A 18 -11.12 20.19 15.78
C ILE A 18 -12.59 20.01 15.41
N THR A 19 -12.85 19.59 14.18
CA THR A 19 -14.23 19.38 13.80
C THR A 19 -14.74 18.08 14.39
N GLY A 20 -16.03 18.04 14.71
CA GLY A 20 -16.62 16.88 15.34
C GLY A 20 -16.17 16.60 16.76
N ALA A 21 -15.68 17.63 17.47
CA ALA A 21 -15.08 17.41 18.78
C ALA A 21 -16.05 17.52 19.96
N ALA A 22 -17.35 17.49 19.70
CA ALA A 22 -18.30 17.50 20.82
C ALA A 22 -18.50 16.12 21.42
N ASN A 23 -18.04 15.09 20.72
CA ASN A 23 -18.19 13.70 21.16
C ASN A 23 -17.00 12.87 20.75
N GLY A 24 -16.87 11.69 21.36
CA GLY A 24 -16.00 10.64 20.84
C GLY A 24 -14.53 10.97 20.73
N ILE A 25 -13.94 10.57 19.61
CA ILE A 25 -12.52 10.80 19.38
C ILE A 25 -12.16 12.27 19.46
N GLY A 26 -12.96 13.11 18.81
CA GLY A 26 -12.68 14.54 18.76
C GLY A 26 -12.70 15.20 20.12
N LEU A 27 -13.68 14.82 20.94
CA LEU A 27 -13.79 15.32 22.30
C LEU A 27 -12.54 14.94 23.11
N GLU A 28 -12.09 13.70 22.98
CA GLU A 28 -10.90 13.29 23.71
C GLU A 28 -9.68 14.05 23.19
N ALA A 29 -9.61 14.28 21.88
CA ALA A 29 -8.53 15.08 21.31
C ALA A 29 -8.55 16.52 21.84
N ALA A 30 -9.73 17.11 21.97
CA ALA A 30 -9.85 18.43 22.57
C ALA A 30 -9.24 18.45 23.95
N ARG A 31 -9.55 17.44 24.76
CA ARG A 31 -9.02 17.34 26.12
C ARG A 31 -7.49 17.17 26.14
N VAL A 32 -6.98 16.28 25.29
CA VAL A 32 -5.55 16.04 25.21
C VAL A 32 -4.83 17.29 24.74
N PHE A 33 -5.39 17.96 23.73
CA PHE A 33 -4.75 19.15 23.18
C PHE A 33 -4.68 20.29 24.18
N MET A 34 -5.77 20.48 24.93
CA MET A 34 -5.78 21.48 25.99
C MET A 34 -4.71 21.21 27.03
N LYS A 35 -4.60 19.95 27.42
CA LYS A 35 -3.59 19.53 28.40
C LYS A 35 -2.20 19.90 27.92
N GLU A 36 -2.00 19.82 26.61
CA GLU A 36 -0.71 20.11 25.98
C GLU A 36 -0.55 21.58 25.59
N GLY A 37 -1.43 22.43 26.11
CA GLY A 37 -1.24 23.87 25.98
C GLY A 37 -1.97 24.55 24.83
N ALA A 38 -2.70 23.78 24.03
CA ALA A 38 -3.38 24.37 22.88
C ALA A 38 -4.62 25.18 23.27
N LYS A 39 -4.93 26.17 22.44
CA LYS A 39 -6.22 26.84 22.48
C LYS A 39 -7.14 26.08 21.53
N VAL A 40 -8.07 25.33 22.09
CA VAL A 40 -8.88 24.41 21.30
C VAL A 40 -10.26 24.95 20.98
N VAL A 41 -10.62 24.90 19.70
CA VAL A 41 -11.96 25.20 19.25
C VAL A 41 -12.63 23.91 18.81
N ILE A 42 -13.68 23.52 19.53
CA ILE A 42 -14.54 22.42 19.14
C ILE A 42 -15.56 22.97 18.15
N ALA A 43 -15.59 22.39 16.96
CA ALA A 43 -16.51 22.82 15.91
C ALA A 43 -17.41 21.64 15.58
N ASP A 44 -18.70 21.75 15.90
CA ASP A 44 -19.60 20.59 15.81
C ASP A 44 -21.01 21.14 15.65
N PHE A 45 -21.93 20.35 15.09
CA PHE A 45 -23.32 20.81 15.00
C PHE A 45 -24.12 20.53 16.27
N ASN A 46 -23.63 19.60 17.07
CA ASN A 46 -24.37 19.13 18.24
C ASN A 46 -24.21 20.12 19.39
N GLU A 47 -25.19 21.01 19.53
CA GLU A 47 -25.12 22.12 20.47
C GLU A 47 -25.08 21.67 21.92
N ALA A 48 -25.94 20.72 22.28
CA ALA A 48 -25.99 20.28 23.69
C ALA A 48 -24.67 19.62 24.09
N ALA A 49 -24.11 18.82 23.21
CA ALA A 49 -22.83 18.18 23.51
C ALA A 49 -21.69 19.20 23.52
N GLY A 50 -21.75 20.16 22.61
CA GLY A 50 -20.71 21.20 22.55
C GLY A 50 -20.70 22.03 23.81
N LYS A 51 -21.89 22.44 24.26
CA LYS A 51 -22.00 23.23 25.47
C LYS A 51 -21.57 22.43 26.69
N GLU A 52 -21.90 21.14 26.72
CA GLU A 52 -21.48 20.26 27.80
C GLU A 52 -19.96 20.16 27.85
N ALA A 53 -19.33 20.05 26.68
CA ALA A 53 -17.88 19.99 26.58
C ALA A 53 -17.24 21.24 27.19
N VAL A 54 -17.83 22.39 26.91
CA VAL A 54 -17.32 23.65 27.46
C VAL A 54 -17.42 23.66 28.99
N GLU A 55 -18.57 23.26 29.51
CA GLU A 55 -18.76 23.23 30.96
C GLU A 55 -17.81 22.24 31.65
N ALA A 56 -17.56 21.11 30.99
CA ALA A 56 -16.74 20.05 31.57
C ALA A 56 -15.25 20.29 31.40
N ASN A 57 -14.89 21.18 30.48
CA ASN A 57 -13.50 21.40 30.13
C ASN A 57 -13.20 22.89 30.00
N PRO A 58 -13.15 23.60 31.13
CA PRO A 58 -12.92 25.04 31.08
C PRO A 58 -11.68 25.40 30.27
N GLY A 59 -11.82 26.39 29.39
CA GLY A 59 -10.73 26.79 28.53
C GLY A 59 -11.02 26.45 27.08
N VAL A 60 -11.85 25.44 26.85
CA VAL A 60 -12.19 25.07 25.49
C VAL A 60 -13.28 26.01 24.96
N VAL A 61 -13.27 26.24 23.66
CA VAL A 61 -14.27 27.08 23.01
C VAL A 61 -15.12 26.23 22.07
N PHE A 62 -16.43 26.43 22.08
CA PHE A 62 -17.32 25.73 21.15
C PHE A 62 -17.90 26.71 20.16
N ILE A 63 -17.76 26.39 18.88
CA ILE A 63 -18.43 27.15 17.83
C ILE A 63 -19.23 26.18 16.98
N ARG A 64 -20.52 26.47 16.84
CA ARG A 64 -21.39 25.61 16.06
C ARG A 64 -21.01 25.68 14.59
N VAL A 65 -20.92 24.52 13.97
CA VAL A 65 -20.65 24.44 12.53
C VAL A 65 -21.32 23.20 11.97
N ASP A 66 -21.76 23.30 10.73
CA ASP A 66 -22.07 22.13 9.91
C ASP A 66 -21.01 22.12 8.82
N VAL A 67 -20.10 21.15 8.85
CA VAL A 67 -18.98 21.13 7.90
C VAL A 67 -19.43 20.96 6.46
N SER A 68 -20.65 20.48 6.25
CA SER A 68 -21.16 20.31 4.90
C SER A 68 -21.73 21.62 4.34
N ASP A 69 -21.84 22.63 5.21
CA ASP A 69 -22.36 23.95 4.83
C ASP A 69 -21.18 24.92 4.72
N ARG A 70 -20.82 25.26 3.49
CA ARG A 70 -19.66 26.10 3.22
C ARG A 70 -19.72 27.45 3.94
N GLU A 71 -20.91 28.03 4.00
CA GLU A 71 -21.07 29.32 4.66
C GLU A 71 -20.85 29.18 6.17
N SER A 72 -21.37 28.11 6.75
CA SER A 72 -21.17 27.83 8.17
C SER A 72 -19.68 27.70 8.48
N VAL A 73 -18.96 27.01 7.59
CA VAL A 73 -17.52 26.81 7.73
C VAL A 73 -16.76 28.13 7.68
N HIS A 74 -17.12 29.01 6.76
CA HIS A 74 -16.42 30.28 6.66
C HIS A 74 -16.68 31.17 7.87
N ARG A 75 -17.91 31.15 8.39
CA ARG A 75 -18.22 31.86 9.62
C ARG A 75 -17.36 31.33 10.77
N LEU A 76 -17.21 30.01 10.84
CA LEU A 76 -16.38 29.38 11.87
C LEU A 76 -14.94 29.90 11.82
N VAL A 77 -14.35 29.82 10.65
CA VAL A 77 -12.95 30.19 10.49
C VAL A 77 -12.72 31.69 10.72
N GLU A 78 -13.65 32.53 10.26
CA GLU A 78 -13.56 33.95 10.51
C GLU A 78 -13.62 34.24 12.00
N ASN A 79 -14.51 33.55 12.69
CA ASN A 79 -14.70 33.70 14.12
C ASN A 79 -13.41 33.35 14.88
N VAL A 80 -12.83 32.21 14.55
CA VAL A 80 -11.60 31.75 15.17
C VAL A 80 -10.44 32.72 14.94
N ALA A 81 -10.29 33.17 13.70
CA ALA A 81 -9.22 34.10 13.35
C ALA A 81 -9.38 35.43 14.08
N GLU A 82 -10.61 35.92 14.18
CA GLU A 82 -10.86 37.19 14.84
C GLU A 82 -10.56 37.09 16.34
N ARG A 83 -10.79 35.92 16.92
CA ARG A 83 -10.61 35.76 18.35
C ARG A 83 -9.18 35.42 18.76
N PHE A 84 -8.50 34.62 17.95
CA PHE A 84 -7.18 34.10 18.31
C PHE A 84 -6.04 34.63 17.43
N GLY A 85 -6.38 35.20 16.28
CA GLY A 85 -5.39 35.81 15.41
C GLY A 85 -4.62 34.85 14.50
N LYS A 86 -4.88 33.56 14.64
CA LYS A 86 -4.15 32.55 13.87
C LYS A 86 -4.88 31.23 13.93
N ILE A 87 -4.57 30.35 13.00
CA ILE A 87 -5.06 28.99 13.02
C ILE A 87 -3.87 28.07 12.74
N ASP A 88 -3.43 27.34 13.76
CA ASP A 88 -2.21 26.54 13.63
C ASP A 88 -2.46 25.11 13.20
N ILE A 89 -3.58 24.56 13.64
CA ILE A 89 -3.91 23.16 13.43
C ILE A 89 -5.38 23.02 13.04
N LEU A 90 -5.66 22.25 12.00
CA LEU A 90 -7.02 21.84 11.67
C LEU A 90 -7.09 20.34 11.68
N ILE A 91 -7.98 19.78 12.49
CA ILE A 91 -8.28 18.36 12.45
CA ILE A 91 -8.28 18.37 12.44
C ILE A 91 -9.67 18.15 11.87
N ASN A 92 -9.72 17.57 10.67
CA ASN A 92 -10.96 17.25 10.00
C ASN A 92 -11.47 15.91 10.49
N ASN A 93 -12.11 15.93 11.65
CA ASN A 93 -12.52 14.72 12.37
C ASN A 93 -14.04 14.46 12.29
N ALA A 94 -14.83 15.49 11.99
CA ALA A 94 -16.28 15.28 11.85
C ALA A 94 -16.59 14.18 10.83
N GLY A 95 -17.51 13.31 11.17
CA GLY A 95 -17.94 12.29 10.23
C GLY A 95 -19.23 11.63 10.65
N ILE A 96 -19.91 11.05 9.67
CA ILE A 96 -21.14 10.28 9.87
C ILE A 96 -21.10 8.96 9.10
N THR A 97 -21.96 8.03 9.49
CA THR A 97 -22.21 6.85 8.67
C THR A 97 -23.69 6.81 8.31
N ARG A 98 -23.99 6.32 7.11
CA ARG A 98 -25.33 5.97 6.70
C ARG A 98 -25.21 4.63 5.96
N ASP A 99 -25.06 3.55 6.71
CA ASP A 99 -24.70 2.24 6.14
C ASP A 99 -25.86 1.60 5.40
N SER A 100 -25.53 0.84 4.37
CA SER A 100 -26.48 0.01 3.62
C SER A 100 -25.69 -0.87 2.68
N MET A 101 -26.20 -2.07 2.41
CA MET A 101 -25.64 -2.86 1.32
C MET A 101 -25.81 -2.07 0.04
N LEU A 102 -24.90 -2.24 -0.92
CA LEU A 102 -24.99 -1.55 -2.20
C LEU A 102 -26.36 -1.71 -2.84
N SER A 103 -26.91 -2.91 -2.77
CA SER A 103 -28.18 -3.22 -3.44
C SER A 103 -29.34 -2.37 -2.94
N LYS A 104 -29.21 -1.82 -1.73
CA LYS A 104 -30.28 -1.07 -1.10
C LYS A 104 -29.94 0.38 -0.78
N MET A 105 -28.72 0.80 -1.07
CA MET A 105 -28.28 2.13 -0.67
C MET A 105 -28.95 3.21 -1.51
N THR A 106 -29.47 4.23 -0.85
CA THR A 106 -30.10 5.32 -1.59
C THR A 106 -29.07 6.36 -2.02
N VAL A 107 -29.44 7.13 -3.04
CA VAL A 107 -28.63 8.25 -3.44
C VAL A 107 -28.52 9.24 -2.28
N ASP A 108 -29.59 9.41 -1.52
CA ASP A 108 -29.55 10.26 -0.34
C ASP A 108 -28.48 9.82 0.67
N GLN A 109 -28.44 8.53 0.98
CA GLN A 109 -27.44 7.99 1.91
C GLN A 109 -26.04 8.20 1.36
N PHE A 110 -25.88 7.96 0.07
CA PHE A 110 -24.57 8.07 -0.54
C PHE A 110 -24.11 9.52 -0.45
N GLN A 111 -24.97 10.43 -0.88
CA GLN A 111 -24.60 11.84 -0.96
C GLN A 111 -24.43 12.51 0.39
N GLN A 112 -25.24 12.15 1.38
CA GLN A 112 -25.09 12.72 2.72
C GLN A 112 -23.70 12.44 3.25
N VAL A 113 -23.25 11.21 3.08
CA VAL A 113 -21.96 10.81 3.60
C VAL A 113 -20.81 11.48 2.83
N ILE A 114 -20.93 11.55 1.51
CA ILE A 114 -19.95 12.30 0.74
C ILE A 114 -19.89 13.78 1.19
N ASN A 115 -21.05 14.38 1.39
CA ASN A 115 -21.14 15.80 1.74
CA ASN A 115 -21.12 15.80 1.72
C ASN A 115 -20.38 16.12 3.02
N VAL A 116 -20.56 15.29 4.03
CA VAL A 116 -19.96 15.53 5.34
C VAL A 116 -18.52 15.03 5.37
N ASN A 117 -18.32 13.78 4.95
CA ASN A 117 -17.04 13.13 5.18
C ASN A 117 -15.98 13.44 4.13
N LEU A 118 -16.40 13.94 2.98
CA LEU A 118 -15.46 14.27 1.90
C LEU A 118 -15.50 15.76 1.59
N THR A 119 -16.64 16.25 1.11
CA THR A 119 -16.73 17.66 0.75
C THR A 119 -16.51 18.58 1.95
N GLY A 120 -16.98 18.17 3.12
CA GLY A 120 -16.76 18.95 4.33
C GLY A 120 -15.28 19.14 4.66
N VAL A 121 -14.49 18.11 4.39
CA VAL A 121 -13.05 18.20 4.58
C VAL A 121 -12.45 19.21 3.61
N PHE A 122 -12.91 19.17 2.37
CA PHE A 122 -12.56 20.17 1.37
C PHE A 122 -12.93 21.58 1.84
N HIS A 123 -14.16 21.79 2.32
CA HIS A 123 -14.57 23.11 2.75
C HIS A 123 -13.68 23.65 3.86
N CYS A 124 -13.48 22.82 4.89
CA CYS A 124 -12.75 23.29 6.06
C CYS A 124 -11.29 23.59 5.74
N THR A 125 -10.69 22.76 4.91
CA THR A 125 -9.29 22.94 4.56
C THR A 125 -9.12 24.19 3.70
N GLN A 126 -9.99 24.40 2.73
CA GLN A 126 -9.94 25.59 1.89
CA GLN A 126 -9.87 25.57 1.89
C GLN A 126 -10.04 26.84 2.74
N ALA A 127 -10.89 26.77 3.74
CA ALA A 127 -11.17 27.94 4.57
C ALA A 127 -9.99 28.31 5.46
N VAL A 128 -9.29 27.32 6.02
CA VAL A 128 -8.15 27.63 6.89
C VAL A 128 -6.88 27.95 6.10
N LEU A 129 -6.80 27.47 4.86
CA LEU A 129 -5.59 27.59 4.06
C LEU A 129 -4.95 28.99 3.98
N PRO A 130 -5.76 30.03 3.71
CA PRO A 130 -5.11 31.35 3.58
C PRO A 130 -4.42 31.79 4.87
N TYR A 131 -4.94 31.37 6.01
CA TYR A 131 -4.35 31.73 7.29
C TYR A 131 -3.02 31.00 7.49
N MET A 132 -3.00 29.70 7.20
CA MET A 132 -1.79 28.92 7.35
C MET A 132 -0.73 29.37 6.35
N ALA A 133 -1.17 29.68 5.13
CA ALA A 133 -0.25 30.18 4.11
C ALA A 133 0.40 31.50 4.53
N GLU A 134 -0.38 32.39 5.15
CA GLU A 134 0.14 33.67 5.64
C GLU A 134 1.16 33.46 6.75
N GLN A 135 0.88 32.51 7.63
CA GLN A 135 1.75 32.17 8.74
C GLN A 135 3.00 31.43 8.25
N GLY A 136 2.90 30.82 7.08
CA GLY A 136 3.96 29.97 6.56
C GLY A 136 4.13 28.72 7.42
N LYS A 137 3.05 28.29 8.05
CA LYS A 137 3.11 27.18 8.99
C LYS A 137 1.69 26.71 9.26
N GLY A 138 1.53 25.39 9.36
CA GLY A 138 0.23 24.84 9.72
C GLY A 138 0.28 23.33 9.71
N LYS A 139 -0.68 22.72 10.41
CA LYS A 139 -0.83 21.27 10.45
C LYS A 139 -2.28 20.94 10.10
N ILE A 140 -2.44 20.12 9.06
CA ILE A 140 -3.74 19.60 8.66
CA ILE A 140 -3.75 19.61 8.69
C ILE A 140 -3.75 18.10 8.92
N ILE A 141 -4.74 17.63 9.67
CA ILE A 141 -4.86 16.22 9.98
C ILE A 141 -6.26 15.79 9.56
N ASN A 142 -6.33 14.83 8.64
CA ASN A 142 -7.59 14.35 8.13
C ASN A 142 -7.92 12.95 8.63
N THR A 143 -9.13 12.74 9.12
CA THR A 143 -9.51 11.45 9.65
C THR A 143 -10.09 10.58 8.54
N SER A 144 -9.36 9.54 8.17
CA SER A 144 -9.86 8.53 7.26
C SER A 144 -10.41 7.36 8.08
N SER A 145 -10.18 6.12 7.65
CA SER A 145 -10.67 4.94 8.34
C SER A 145 -10.08 3.70 7.70
N VAL A 146 -9.93 2.63 8.48
CA VAL A 146 -9.63 1.33 7.89
C VAL A 146 -10.67 0.93 6.81
N THR A 147 -11.90 1.44 6.90
CA THR A 147 -12.89 1.17 5.87
C THR A 147 -12.51 1.81 4.54
N GLY A 148 -11.86 2.97 4.61
CA GLY A 148 -11.40 3.63 3.40
C GLY A 148 -10.22 2.91 2.77
N THR A 149 -9.32 2.37 3.59
CA THR A 149 -8.12 1.72 3.08
C THR A 149 -8.40 0.29 2.63
N TYR A 150 -9.36 -0.37 3.27
CA TYR A 150 -9.57 -1.80 3.07
C TYR A 150 -10.95 -2.21 2.56
N GLY A 151 -11.90 -1.27 2.58
CA GLY A 151 -13.28 -1.57 2.27
C GLY A 151 -13.99 -2.23 3.44
N ASN A 152 -15.32 -2.14 3.49
CA ASN A 152 -16.06 -2.82 4.53
C ASN A 152 -17.50 -3.02 4.09
N VAL A 153 -18.01 -4.23 4.25
CA VAL A 153 -19.38 -4.55 3.86
C VAL A 153 -20.37 -3.56 4.47
N GLY A 154 -21.30 -3.09 3.63
CA GLY A 154 -22.34 -2.17 4.05
C GLY A 154 -21.92 -0.71 4.07
N GLN A 155 -20.70 -0.42 3.62
CA GLN A 155 -20.19 0.93 3.74
C GLN A 155 -19.68 1.55 2.44
N THR A 156 -20.35 1.26 1.32
CA THR A 156 -19.96 1.85 0.02
C THR A 156 -19.68 3.34 0.10
N ASN A 157 -20.61 4.09 0.69
CA ASN A 157 -20.50 5.53 0.77
C ASN A 157 -19.39 6.03 1.70
N TYR A 158 -19.29 5.41 2.87
CA TYR A 158 -18.29 5.78 3.86
C TYR A 158 -16.89 5.42 3.35
N ALA A 159 -16.76 4.25 2.72
CA ALA A 159 -15.50 3.85 2.11
C ALA A 159 -15.10 4.82 1.00
N ALA A 160 -16.05 5.21 0.16
CA ALA A 160 -15.76 6.19 -0.88
C ALA A 160 -15.23 7.48 -0.27
N ALA A 161 -15.92 8.00 0.74
CA ALA A 161 -15.50 9.25 1.37
C ALA A 161 -14.16 9.14 2.07
N LYS A 162 -13.96 8.09 2.85
CA LYS A 162 -12.76 7.99 3.64
C LYS A 162 -11.53 7.68 2.78
N ALA A 163 -11.73 6.92 1.69
CA ALA A 163 -10.64 6.73 0.74
C ALA A 163 -10.37 8.03 0.00
N GLY A 164 -11.43 8.76 -0.38
CA GLY A 164 -11.25 10.03 -1.05
C GLY A 164 -10.46 11.02 -0.20
N VAL A 165 -10.68 10.98 1.12
CA VAL A 165 -9.94 11.83 2.05
C VAL A 165 -8.43 11.58 1.93
N ILE A 166 -8.04 10.33 1.73
CA ILE A 166 -6.63 10.00 1.53
C ILE A 166 -6.10 10.58 0.22
N GLY A 167 -6.89 10.48 -0.85
CA GLY A 167 -6.50 11.11 -2.09
C GLY A 167 -6.25 12.60 -1.94
N MET A 168 -7.15 13.28 -1.24
CA MET A 168 -6.98 14.70 -1.00
C MET A 168 -5.76 14.99 -0.13
N THR A 169 -5.58 14.17 0.91
CA THR A 169 -4.43 14.32 1.81
C THR A 169 -3.11 14.30 1.04
N LYS A 170 -2.97 13.34 0.13
CA LYS A 170 -1.73 13.19 -0.62
C LYS A 170 -1.52 14.35 -1.59
N THR A 171 -2.60 14.81 -2.20
CA THR A 171 -2.54 15.95 -3.09
C THR A 171 -2.12 17.21 -2.34
N TRP A 172 -2.75 17.45 -1.19
CA TRP A 172 -2.48 18.63 -0.40
C TRP A 172 -1.07 18.61 0.17
N ALA A 173 -0.58 17.44 0.56
CA ALA A 173 0.80 17.36 1.04
C ALA A 173 1.74 17.86 -0.06
N LYS A 174 1.49 17.45 -1.30
CA LYS A 174 2.30 17.93 -2.42
C LYS A 174 2.14 19.42 -2.71
N GLU A 175 0.90 19.93 -2.66
CA GLU A 175 0.68 21.34 -2.99
C GLU A 175 1.15 22.30 -1.94
N LEU A 176 1.05 21.89 -0.68
CA LEU A 176 1.20 22.83 0.44
C LEU A 176 2.54 22.72 1.16
N ALA A 177 3.35 21.75 0.75
CA ALA A 177 4.60 21.47 1.45
C ALA A 177 5.50 22.69 1.56
N ARG A 178 5.79 23.32 0.44
CA ARG A 178 6.72 24.45 0.47
C ARG A 178 6.13 25.72 1.08
N LYS A 179 4.93 25.60 1.64
CA LYS A 179 4.31 26.68 2.39
C LYS A 179 4.41 26.45 3.89
N GLY A 180 5.16 25.43 4.28
CA GLY A 180 5.39 25.13 5.69
C GLY A 180 4.21 24.42 6.34
N ILE A 181 3.35 23.84 5.52
CA ILE A 181 2.19 23.12 6.01
C ILE A 181 2.35 21.60 5.88
N ASN A 182 2.12 20.86 6.96
CA ASN A 182 2.09 19.40 6.90
C ASN A 182 0.65 18.95 6.70
N VAL A 183 0.46 17.94 5.86
CA VAL A 183 -0.88 17.34 5.69
C VAL A 183 -0.75 15.84 5.82
N ASN A 184 -1.46 15.26 6.77
CA ASN A 184 -1.42 13.83 7.00
C ASN A 184 -2.82 13.33 7.32
N ALA A 185 -2.96 12.01 7.30
CA ALA A 185 -4.24 11.39 7.65
C ALA A 185 -4.06 10.35 8.75
N VAL A 186 -5.13 10.08 9.48
CA VAL A 186 -5.15 8.99 10.44
C VAL A 186 -6.22 8.01 9.98
N ALA A 187 -5.88 6.72 9.97
CA ALA A 187 -6.87 5.69 9.71
C ALA A 187 -7.10 4.91 11.01
N PRO A 188 -8.10 5.35 11.80
CA PRO A 188 -8.43 4.57 12.97
C PRO A 188 -9.02 3.23 12.59
N GLY A 189 -8.73 2.22 13.41
CA GLY A 189 -9.48 0.99 13.36
C GLY A 189 -10.77 1.17 14.14
N PHE A 190 -11.50 0.08 14.36
CA PHE A 190 -12.74 0.17 15.11
C PHE A 190 -12.46 0.64 16.53
N THR A 191 -13.18 1.69 16.93
CA THR A 191 -12.88 2.43 18.15
C THR A 191 -14.17 2.65 18.93
N GLU A 192 -14.09 2.50 20.25
CA GLU A 192 -15.26 2.62 21.13
C GLU A 192 -15.82 4.04 21.21
N THR A 193 -16.74 4.37 20.31
CA THR A 193 -17.47 5.63 20.33
C THR A 193 -18.92 5.36 19.95
N ALA A 194 -19.73 6.41 19.89
CA ALA A 194 -21.12 6.27 19.48
C ALA A 194 -21.24 5.68 18.07
N MET A 195 -20.23 5.85 17.25
CA MET A 195 -20.28 5.34 15.89
C MET A 195 -20.35 3.81 15.85
N VAL A 196 -19.84 3.18 16.90
CA VAL A 196 -19.85 1.72 17.02
C VAL A 196 -20.90 1.26 18.04
N ALA A 197 -21.50 2.22 18.74
CA ALA A 197 -22.43 1.94 19.84
C ALA A 197 -23.59 0.97 19.53
N GLU A 198 -24.27 1.17 18.41
CA GLU A 198 -25.41 0.33 18.07
C GLU A 198 -25.05 -0.92 17.25
N VAL A 199 -23.80 -1.33 17.35
CA VAL A 199 -23.35 -2.59 16.76
C VAL A 199 -23.61 -3.71 17.75
N PRO A 200 -24.27 -4.80 17.29
CA PRO A 200 -24.60 -5.95 18.14
C PRO A 200 -23.36 -6.52 18.83
N GLU A 201 -23.52 -7.09 20.01
CA GLU A 201 -22.39 -7.61 20.78
C GLU A 201 -21.67 -8.73 20.03
N LYS A 202 -22.43 -9.50 19.25
CA LYS A 202 -21.87 -10.60 18.47
C LYS A 202 -20.97 -10.08 17.37
N VAL A 203 -21.34 -8.93 16.80
CA VAL A 203 -20.56 -8.31 15.74
C VAL A 203 -19.34 -7.60 16.32
N ILE A 204 -19.49 -7.08 17.54
CA ILE A 204 -18.37 -6.48 18.25
C ILE A 204 -17.26 -7.50 18.47
N GLU A 205 -17.65 -8.70 18.89
CA GLU A 205 -16.68 -9.77 19.09
C GLU A 205 -16.03 -10.19 17.79
N LYS A 206 -16.78 -10.11 16.69
CA LYS A 206 -16.25 -10.43 15.37
C LYS A 206 -15.17 -9.41 14.96
N MET A 207 -15.42 -8.14 15.26
CA MET A 207 -14.46 -7.08 14.98
C MET A 207 -13.20 -7.25 15.81
N LYS A 208 -13.38 -7.56 17.10
CA LYS A 208 -12.26 -7.80 17.99
C LYS A 208 -11.43 -8.98 17.52
N ALA A 209 -12.09 -10.00 16.96
CA ALA A 209 -11.43 -11.20 16.49
C ALA A 209 -10.48 -10.91 15.34
N GLN A 210 -10.73 -9.82 14.61
CA GLN A 210 -9.87 -9.43 13.50
C GLN A 210 -8.66 -8.60 13.97
N VAL A 211 -8.66 -8.21 15.23
CA VAL A 211 -7.59 -7.40 15.78
C VAL A 211 -6.68 -8.29 16.62
N PRO A 212 -5.42 -8.46 16.22
CA PRO A 212 -4.58 -9.36 17.01
C PRO A 212 -4.38 -8.90 18.46
N MET A 213 -4.48 -7.60 18.71
CA MET A 213 -4.40 -7.08 20.07
C MET A 213 -5.65 -7.42 20.92
N GLY A 214 -6.72 -7.86 20.26
CA GLY A 214 -7.87 -8.40 20.96
C GLY A 214 -8.80 -7.37 21.59
N ARG A 215 -8.65 -6.11 21.20
CA ARG A 215 -9.49 -5.04 21.72
C ARG A 215 -9.76 -4.02 20.63
N LEU A 216 -10.82 -3.24 20.82
CA LEU A 216 -11.09 -2.09 19.97
C LEU A 216 -10.24 -0.91 20.44
N GLY A 217 -10.11 0.08 19.58
CA GLY A 217 -9.43 1.31 19.96
C GLY A 217 -10.21 2.10 20.99
N LYS A 218 -9.48 2.93 21.73
CA LYS A 218 -10.11 3.90 22.62
C LYS A 218 -9.97 5.28 22.01
N PRO A 219 -10.91 6.19 22.33
CA PRO A 219 -10.76 7.56 21.82
C PRO A 219 -9.37 8.14 22.13
N GLU A 220 -8.84 7.87 23.31
CA GLU A 220 -7.51 8.35 23.65
C GLU A 220 -6.41 7.86 22.71
N ASP A 221 -6.54 6.64 22.17
CA ASP A 221 -5.52 6.13 21.25
C ASP A 221 -5.49 6.99 20.00
N ILE A 222 -6.67 7.33 19.50
CA ILE A 222 -6.74 8.09 18.26
C ILE A 222 -6.31 9.53 18.52
N ALA A 223 -6.77 10.08 19.64
CA ALA A 223 -6.36 11.41 20.05
C ALA A 223 -4.84 11.53 20.15
N ASN A 224 -4.18 10.48 20.63
CA ASN A 224 -2.72 10.48 20.76
C ASN A 224 -2.04 10.56 19.40
N ALA A 225 -2.64 9.93 18.38
CA ALA A 225 -2.11 10.02 17.03
C ALA A 225 -2.32 11.42 16.46
N TYR A 226 -3.48 12.01 16.73
CA TYR A 226 -3.69 13.41 16.34
C TYR A 226 -2.62 14.30 16.97
N LEU A 227 -2.31 14.07 18.24
CA LEU A 227 -1.31 14.88 18.95
C LEU A 227 0.05 14.74 18.28
N PHE A 228 0.43 13.52 17.93
CA PHE A 228 1.71 13.30 17.25
C PHE A 228 1.77 14.11 15.97
N LEU A 229 0.72 14.00 15.15
CA LEU A 229 0.69 14.65 13.86
C LEU A 229 0.50 16.17 13.91
N ALA A 230 0.08 16.69 15.07
CA ALA A 230 -0.09 18.13 15.26
C ALA A 230 1.16 18.79 15.82
N SER A 231 2.07 17.98 16.34
CA SER A 231 3.21 18.51 17.08
C SER A 231 4.46 18.59 16.21
N HIS A 232 5.49 19.24 16.71
CA HIS A 232 6.75 19.36 16.00
CA HIS A 232 6.74 19.36 15.99
C HIS A 232 7.44 18.00 15.86
N GLU A 233 7.01 17.02 16.65
CA GLU A 233 7.62 15.70 16.60
C GLU A 233 7.31 14.92 15.32
N SER A 234 6.42 15.47 14.49
CA SER A 234 6.08 14.89 13.20
C SER A 234 6.33 15.86 12.05
N ASP A 235 7.21 16.83 12.24
CA ASP A 235 7.45 17.84 11.21
C ASP A 235 7.92 17.31 9.85
N TYR A 236 8.56 16.14 9.83
CA TYR A 236 8.99 15.55 8.55
C TYR A 236 8.08 14.39 8.11
N VAL A 237 6.96 14.21 8.80
CA VAL A 237 5.94 13.28 8.36
C VAL A 237 4.98 14.08 7.48
N ASN A 238 4.83 13.67 6.23
CA ASN A 238 3.95 14.40 5.32
C ASN A 238 3.36 13.45 4.30
N GLY A 239 2.07 13.60 4.05
CA GLY A 239 1.39 12.80 3.05
C GLY A 239 1.21 11.37 3.50
N HIS A 240 1.28 11.15 4.80
CA HIS A 240 1.25 9.79 5.34
C HIS A 240 -0.12 9.45 5.94
N VAL A 241 -0.51 8.18 5.79
CA VAL A 241 -1.71 7.65 6.43
C VAL A 241 -1.26 6.82 7.63
N LEU A 242 -1.45 7.40 8.82
CA LEU A 242 -1.05 6.74 10.06
C LEU A 242 -2.19 5.86 10.55
N HIS A 243 -1.98 4.54 10.50
CA HIS A 243 -3.00 3.60 10.98
C HIS A 243 -2.90 3.43 12.48
N VAL A 244 -4.06 3.49 13.14
CA VAL A 244 -4.15 3.26 14.59
C VAL A 244 -5.27 2.24 14.75
N ASP A 245 -4.92 0.99 14.46
CA ASP A 245 -5.94 -0.03 14.24
C ASP A 245 -5.63 -1.36 14.92
N GLY A 246 -4.62 -1.38 15.79
CA GLY A 246 -4.25 -2.60 16.49
C GLY A 246 -3.70 -3.71 15.60
N GLY A 247 -3.36 -3.37 14.36
CA GLY A 247 -2.89 -4.35 13.40
C GLY A 247 -4.02 -5.18 12.80
N ILE A 248 -5.20 -4.58 12.67
CA ILE A 248 -6.39 -5.28 12.21
C ILE A 248 -6.20 -6.01 10.88
N MET A 249 -6.77 -7.20 10.80
CA MET A 249 -6.78 -7.99 9.58
C MET A 249 -8.09 -7.73 8.88
N MET A 250 -8.00 -7.12 7.71
CA MET A 250 -9.16 -6.60 7.01
C MET A 250 -8.88 -6.61 5.51
N HIS B 7 -7.06 -21.55 -25.71
CA HIS B 7 -5.71 -20.99 -25.61
C HIS B 7 -5.36 -20.23 -26.89
N MET B 8 -4.44 -19.27 -26.75
CA MET B 8 -3.97 -18.49 -27.89
C MET B 8 -2.51 -18.84 -28.14
N SER B 9 -1.79 -17.93 -28.80
CA SER B 9 -0.36 -18.11 -29.02
C SER B 9 0.41 -16.86 -28.56
N ARG B 10 0.04 -16.37 -27.39
CA ARG B 10 0.57 -15.11 -26.88
C ARG B 10 2.07 -15.11 -26.60
N LEU B 11 2.65 -16.30 -26.44
CA LEU B 11 4.07 -16.42 -26.14
C LEU B 11 4.81 -17.19 -27.24
N GLN B 12 4.34 -17.08 -28.47
CA GLN B 12 4.90 -17.90 -29.55
C GLN B 12 6.41 -17.74 -29.69
N ASP B 13 7.10 -18.86 -29.55
CA ASP B 13 8.56 -18.97 -29.70
C ASP B 13 9.38 -18.25 -28.63
N LYS B 14 8.73 -17.77 -27.58
CA LYS B 14 9.44 -17.15 -26.48
C LYS B 14 10.04 -18.23 -25.59
N VAL B 15 11.28 -18.02 -25.13
CA VAL B 15 11.91 -18.97 -24.23
C VAL B 15 11.69 -18.54 -22.79
N ALA B 16 11.06 -19.41 -22.01
CA ALA B 16 10.72 -19.10 -20.62
C ALA B 16 11.35 -20.10 -19.68
N ILE B 17 12.12 -19.58 -18.72
CA ILE B 17 12.64 -20.39 -17.64
C ILE B 17 11.70 -20.18 -16.47
N ILE B 18 11.11 -21.26 -15.97
CA ILE B 18 10.26 -21.18 -14.80
C ILE B 18 10.88 -22.02 -13.68
N THR B 19 11.36 -21.35 -12.64
CA THR B 19 11.97 -22.09 -11.55
C THR B 19 10.86 -22.68 -10.69
N GLY B 20 11.14 -23.82 -10.08
CA GLY B 20 10.16 -24.51 -9.26
C GLY B 20 8.98 -25.10 -10.04
N ALA B 21 9.17 -25.35 -11.34
CA ALA B 21 8.04 -25.74 -12.17
C ALA B 21 7.83 -27.24 -12.32
N ALA B 22 8.43 -28.06 -11.45
CA ALA B 22 8.15 -29.50 -11.49
C ALA B 22 6.87 -29.86 -10.72
N ASN B 23 6.35 -28.92 -9.95
CA ASN B 23 5.14 -29.12 -9.16
C ASN B 23 4.31 -27.86 -9.07
N GLY B 24 3.06 -28.01 -8.66
CA GLY B 24 2.27 -26.90 -8.17
C GLY B 24 2.03 -25.81 -9.17
N ILE B 25 2.13 -24.57 -8.69
CA ILE B 25 1.87 -23.40 -9.51
C ILE B 25 2.79 -23.37 -10.73
N GLY B 26 4.06 -23.65 -10.50
CA GLY B 26 5.03 -23.61 -11.58
C GLY B 26 4.77 -24.62 -12.69
N LEU B 27 4.37 -25.83 -12.30
CA LEU B 27 4.03 -26.87 -13.27
C LEU B 27 2.86 -26.43 -14.13
N GLU B 28 1.81 -25.88 -13.50
CA GLU B 28 0.65 -25.44 -14.26
C GLU B 28 1.05 -24.29 -15.19
N ALA B 29 1.92 -23.41 -14.71
CA ALA B 29 2.41 -22.32 -15.56
C ALA B 29 3.18 -22.87 -16.76
N ALA B 30 4.01 -23.88 -16.54
CA ALA B 30 4.70 -24.52 -17.66
C ALA B 30 3.71 -25.02 -18.70
N ARG B 31 2.64 -25.65 -18.25
CA ARG B 31 1.64 -26.18 -19.17
CA ARG B 31 1.66 -26.19 -19.18
C ARG B 31 0.93 -25.08 -19.93
N VAL B 32 0.52 -24.03 -19.22
CA VAL B 32 -0.17 -22.91 -19.84
C VAL B 32 0.76 -22.22 -20.84
N PHE B 33 2.01 -22.03 -20.47
CA PHE B 33 2.95 -21.35 -21.35
C PHE B 33 3.22 -22.15 -22.62
N MET B 34 3.33 -23.48 -22.49
CA MET B 34 3.46 -24.33 -23.67
C MET B 34 2.28 -24.19 -24.61
N LYS B 35 1.07 -24.15 -24.05
CA LYS B 35 -0.12 -24.05 -24.87
C LYS B 35 -0.18 -22.70 -25.60
N GLU B 36 0.49 -21.71 -25.02
CA GLU B 36 0.56 -20.39 -25.62
C GLU B 36 1.79 -20.19 -26.52
N GLY B 37 2.47 -21.30 -26.80
CA GLY B 37 3.51 -21.30 -27.83
C GLY B 37 4.93 -21.12 -27.35
N ALA B 38 5.13 -21.03 -26.03
CA ALA B 38 6.45 -20.82 -25.48
C ALA B 38 7.30 -22.09 -25.52
N LYS B 39 8.61 -21.88 -25.59
CA LYS B 39 9.57 -22.95 -25.33
C LYS B 39 9.90 -22.89 -23.85
N VAL B 40 9.44 -23.89 -23.10
CA VAL B 40 9.47 -23.82 -21.65
C VAL B 40 10.57 -24.70 -21.07
N VAL B 41 11.34 -24.10 -20.18
CA VAL B 41 12.31 -24.82 -19.39
C VAL B 41 11.85 -24.85 -17.95
N ILE B 42 11.54 -26.06 -17.46
CA ILE B 42 11.28 -26.29 -16.05
C ILE B 42 12.62 -26.42 -15.35
N ALA B 43 12.87 -25.55 -14.38
CA ALA B 43 14.14 -25.60 -13.64
C ALA B 43 13.79 -25.87 -12.19
N ASP B 44 14.14 -27.06 -11.69
CA ASP B 44 13.66 -27.49 -10.38
C ASP B 44 14.71 -28.38 -9.75
N PHE B 45 14.74 -28.40 -8.42
CA PHE B 45 15.67 -29.23 -7.66
C PHE B 45 15.26 -30.70 -7.62
N ASN B 46 13.97 -30.95 -7.82
CA ASN B 46 13.41 -32.29 -7.68
C ASN B 46 13.52 -33.04 -9.02
N GLU B 47 14.54 -33.88 -9.15
CA GLU B 47 14.83 -34.60 -10.37
C GLU B 47 13.68 -35.50 -10.82
N ALA B 48 13.13 -36.26 -9.88
CA ALA B 48 12.09 -37.22 -10.20
C ALA B 48 10.85 -36.50 -10.70
N ALA B 49 10.47 -35.43 -10.02
CA ALA B 49 9.31 -34.66 -10.45
C ALA B 49 9.57 -34.00 -11.81
N GLY B 50 10.81 -33.54 -12.03
CA GLY B 50 11.17 -32.92 -13.29
C GLY B 50 11.01 -33.90 -14.44
N LYS B 51 11.53 -35.11 -14.27
CA LYS B 51 11.44 -36.15 -15.28
C LYS B 51 9.99 -36.53 -15.57
N GLU B 52 9.18 -36.58 -14.52
CA GLU B 52 7.77 -36.91 -14.67
C GLU B 52 7.06 -35.83 -15.47
N ALA B 53 7.40 -34.57 -15.19
CA ALA B 53 6.83 -33.45 -15.92
C ALA B 53 7.14 -33.51 -17.42
N VAL B 54 8.36 -33.90 -17.75
CA VAL B 54 8.74 -34.03 -19.16
C VAL B 54 7.91 -35.12 -19.85
N GLU B 55 7.78 -36.26 -19.18
CA GLU B 55 7.00 -37.36 -19.74
C GLU B 55 5.53 -36.95 -19.95
N ALA B 56 4.98 -36.22 -18.99
CA ALA B 56 3.57 -35.84 -19.03
C ALA B 56 3.29 -34.66 -19.96
N ASN B 57 4.34 -33.95 -20.36
CA ASN B 57 4.19 -32.71 -21.14
C ASN B 57 5.20 -32.64 -22.26
N PRO B 58 4.99 -33.44 -23.32
CA PRO B 58 5.93 -33.47 -24.45
C PRO B 58 6.23 -32.08 -25.00
N GLY B 59 7.51 -31.80 -25.19
CA GLY B 59 7.93 -30.50 -25.67
C GLY B 59 8.57 -29.67 -24.57
N VAL B 60 8.24 -29.95 -23.33
CA VAL B 60 8.86 -29.24 -22.22
C VAL B 60 10.27 -29.77 -21.97
N VAL B 61 11.14 -28.90 -21.48
CA VAL B 61 12.52 -29.27 -21.15
C VAL B 61 12.70 -29.14 -19.64
N PHE B 62 13.35 -30.13 -19.03
CA PHE B 62 13.70 -30.06 -17.62
C PHE B 62 15.21 -29.96 -17.47
N ILE B 63 15.63 -28.97 -16.69
CA ILE B 63 17.04 -28.88 -16.28
C ILE B 63 17.06 -28.71 -14.77
N ARG B 64 17.77 -29.59 -14.08
CA ARG B 64 17.84 -29.53 -12.64
C ARG B 64 18.60 -28.27 -12.21
N VAL B 65 18.10 -27.62 -11.18
CA VAL B 65 18.79 -26.48 -10.59
C VAL B 65 18.49 -26.43 -9.11
N ASP B 66 19.44 -25.92 -8.34
CA ASP B 66 19.19 -25.46 -6.98
C ASP B 66 19.35 -23.94 -7.04
N VAL B 67 18.25 -23.20 -6.95
CA VAL B 67 18.35 -21.74 -7.13
C VAL B 67 19.18 -21.05 -6.04
N SER B 68 19.38 -21.71 -4.91
CA SER B 68 20.20 -21.13 -3.85
C SER B 68 21.69 -21.29 -4.12
N ASP B 69 22.02 -22.11 -5.10
CA ASP B 69 23.42 -22.39 -5.45
C ASP B 69 23.78 -21.67 -6.74
N ARG B 70 24.61 -20.64 -6.61
CA ARG B 70 24.90 -19.77 -7.75
C ARG B 70 25.51 -20.52 -8.93
N GLU B 71 26.39 -21.47 -8.64
CA GLU B 71 27.02 -22.24 -9.69
C GLU B 71 25.97 -23.07 -10.44
N SER B 72 25.04 -23.67 -9.70
CA SER B 72 23.93 -24.42 -10.31
C SER B 72 23.10 -23.53 -11.23
N VAL B 73 22.82 -22.32 -10.76
CA VAL B 73 22.07 -21.34 -11.54
C VAL B 73 22.78 -20.99 -12.86
N HIS B 74 24.09 -20.81 -12.82
CA HIS B 74 24.80 -20.51 -14.04
C HIS B 74 24.88 -21.69 -14.98
N ARG B 75 24.97 -22.90 -14.45
CA ARG B 75 24.88 -24.11 -15.28
C ARG B 75 23.53 -24.09 -16.03
N LEU B 76 22.45 -23.84 -15.30
CA LEU B 76 21.12 -23.78 -15.91
C LEU B 76 21.05 -22.75 -17.04
N VAL B 77 21.45 -21.52 -16.76
CA VAL B 77 21.27 -20.46 -17.74
C VAL B 77 22.16 -20.65 -18.97
N GLU B 78 23.39 -21.10 -18.77
CA GLU B 78 24.26 -21.35 -19.91
C GLU B 78 23.71 -22.48 -20.77
N ASN B 79 23.12 -23.49 -20.14
CA ASN B 79 22.51 -24.61 -20.87
C ASN B 79 21.32 -24.11 -21.70
N VAL B 80 20.47 -23.29 -21.10
CA VAL B 80 19.33 -22.74 -21.84
C VAL B 80 19.78 -21.89 -23.01
N ALA B 81 20.75 -21.01 -22.78
CA ALA B 81 21.27 -20.19 -23.86
C ALA B 81 21.88 -21.02 -24.99
N GLU B 82 22.65 -22.05 -24.63
CA GLU B 82 23.24 -22.93 -25.64
C GLU B 82 22.17 -23.60 -26.49
N ARG B 83 21.09 -24.03 -25.85
CA ARG B 83 20.04 -24.78 -26.54
C ARG B 83 19.12 -23.90 -27.37
N PHE B 84 18.78 -22.73 -26.86
CA PHE B 84 17.72 -21.90 -27.44
C PHE B 84 18.18 -20.54 -27.95
N GLY B 85 19.36 -20.10 -27.56
CA GLY B 85 19.94 -18.87 -28.09
C GLY B 85 19.44 -17.58 -27.45
N LYS B 86 18.44 -17.68 -26.60
CA LYS B 86 17.83 -16.49 -26.01
C LYS B 86 17.07 -16.90 -24.75
N ILE B 87 16.82 -15.92 -23.88
CA ILE B 87 15.97 -16.12 -22.72
C ILE B 87 15.04 -14.93 -22.67
N ASP B 88 13.75 -15.17 -22.91
CA ASP B 88 12.80 -14.08 -23.00
C ASP B 88 12.09 -13.79 -21.69
N ILE B 89 11.88 -14.83 -20.90
CA ILE B 89 11.06 -14.74 -19.69
C ILE B 89 11.72 -15.54 -18.59
N LEU B 90 11.85 -14.95 -17.41
CA LEU B 90 12.26 -15.68 -16.21
C LEU B 90 11.17 -15.54 -15.18
N ILE B 91 10.69 -16.67 -14.68
CA ILE B 91 9.74 -16.68 -13.56
C ILE B 91 10.43 -17.28 -12.35
N ASN B 92 10.66 -16.44 -11.34
CA ASN B 92 11.27 -16.84 -10.09
C ASN B 92 10.21 -17.40 -9.14
N ASN B 93 9.82 -18.64 -9.38
CA ASN B 93 8.69 -19.26 -8.71
C ASN B 93 9.12 -20.30 -7.65
N ALA B 94 10.37 -20.79 -7.72
CA ALA B 94 10.81 -21.74 -6.71
C ALA B 94 10.70 -21.15 -5.31
N GLY B 95 10.26 -21.96 -4.36
CA GLY B 95 10.18 -21.50 -2.99
C GLY B 95 9.99 -22.65 -2.03
N ILE B 96 10.40 -22.42 -0.77
CA ILE B 96 10.17 -23.37 0.31
C ILE B 96 9.61 -22.64 1.53
N THR B 97 9.06 -23.44 2.45
CA THR B 97 8.72 -22.96 3.79
C THR B 97 9.45 -23.78 4.85
N ARG B 98 9.84 -23.12 5.93
CA ARG B 98 10.34 -23.79 7.12
C ARG B 98 9.71 -23.06 8.30
N ASP B 99 8.42 -23.32 8.51
CA ASP B 99 7.63 -22.52 9.44
C ASP B 99 7.99 -22.79 10.89
N SER B 100 7.91 -21.73 11.70
CA SER B 100 8.13 -21.83 13.15
C SER B 100 7.72 -20.53 13.79
N MET B 101 7.21 -20.58 15.01
CA MET B 101 7.01 -19.36 15.76
C MET B 101 8.37 -18.72 15.97
N LEU B 102 8.39 -17.40 16.04
CA LEU B 102 9.66 -16.69 16.28
C LEU B 102 10.42 -17.25 17.47
N SER B 103 9.69 -17.56 18.54
CA SER B 103 10.31 -18.01 19.78
C SER B 103 11.09 -19.33 19.64
N LYS B 104 10.79 -20.10 18.59
CA LYS B 104 11.40 -21.40 18.41
C LYS B 104 12.21 -21.55 17.12
N MET B 105 12.21 -20.51 16.29
CA MET B 105 12.79 -20.62 14.95
C MET B 105 14.31 -20.73 15.02
N THR B 106 14.87 -21.70 14.33
CA THR B 106 16.32 -21.86 14.34
C THR B 106 16.96 -20.99 13.27
N VAL B 107 18.26 -20.73 13.43
CA VAL B 107 18.99 -19.98 12.43
C VAL B 107 18.96 -20.70 11.09
N ASP B 108 19.06 -22.03 11.13
CA ASP B 108 18.98 -22.83 9.91
CA ASP B 108 18.97 -22.84 9.91
C ASP B 108 17.64 -22.67 9.21
N GLN B 109 16.54 -22.69 9.96
CA GLN B 109 15.23 -22.49 9.35
C GLN B 109 15.14 -21.12 8.69
N PHE B 110 15.67 -20.11 9.37
CA PHE B 110 15.62 -18.76 8.85
C PHE B 110 16.48 -18.66 7.59
N GLN B 111 17.72 -19.09 7.70
CA GLN B 111 18.65 -18.92 6.60
C GLN B 111 18.31 -19.75 5.37
N GLN B 112 17.79 -20.96 5.56
CA GLN B 112 17.45 -21.79 4.41
C GLN B 112 16.39 -21.12 3.55
N VAL B 113 15.39 -20.53 4.20
CA VAL B 113 14.32 -19.87 3.49
C VAL B 113 14.82 -18.60 2.80
N ILE B 114 15.67 -17.83 3.48
CA ILE B 114 16.29 -16.68 2.82
C ILE B 114 17.09 -17.11 1.58
N ASN B 115 17.88 -18.18 1.73
CA ASN B 115 18.74 -18.66 0.65
C ASN B 115 17.97 -19.01 -0.62
N VAL B 116 16.85 -19.71 -0.45
CA VAL B 116 16.06 -20.16 -1.59
C VAL B 116 15.14 -19.05 -2.08
N ASN B 117 14.39 -18.44 -1.16
CA ASN B 117 13.29 -17.58 -1.54
C ASN B 117 13.69 -16.13 -1.81
N LEU B 118 14.86 -15.72 -1.33
CA LEU B 118 15.32 -14.37 -1.55
C LEU B 118 16.61 -14.37 -2.38
N THR B 119 17.68 -14.93 -1.82
CA THR B 119 18.96 -14.95 -2.53
C THR B 119 18.86 -15.70 -3.86
N GLY B 120 18.09 -16.77 -3.90
CA GLY B 120 17.90 -17.53 -5.13
C GLY B 120 17.31 -16.69 -6.25
N VAL B 121 16.40 -15.79 -5.89
CA VAL B 121 15.81 -14.88 -6.86
C VAL B 121 16.86 -13.91 -7.40
N PHE B 122 17.72 -13.42 -6.52
CA PHE B 122 18.85 -12.61 -6.91
C PHE B 122 19.78 -13.38 -7.87
N HIS B 123 20.14 -14.63 -7.53
CA HIS B 123 21.06 -15.37 -8.40
C HIS B 123 20.48 -15.57 -9.79
N CYS B 124 19.23 -16.00 -9.86
CA CYS B 124 18.64 -16.31 -11.16
C CYS B 124 18.49 -15.05 -12.01
N THR B 125 18.07 -13.95 -11.38
CA THR B 125 17.88 -12.71 -12.11
C THR B 125 19.20 -12.17 -12.63
N GLN B 126 20.23 -12.17 -11.79
CA GLN B 126 21.53 -11.73 -12.25
CA GLN B 126 21.56 -11.76 -12.23
C GLN B 126 22.04 -12.59 -13.41
N ALA B 127 21.75 -13.88 -13.37
CA ALA B 127 22.26 -14.79 -14.37
C ALA B 127 21.59 -14.58 -15.73
N VAL B 128 20.29 -14.28 -15.72
CA VAL B 128 19.61 -14.07 -16.99
C VAL B 128 19.78 -12.66 -17.54
N LEU B 129 20.09 -11.70 -16.67
CA LEU B 129 20.16 -10.30 -17.08
C LEU B 129 21.00 -10.00 -18.33
N PRO B 130 22.23 -10.55 -18.42
CA PRO B 130 23.03 -10.19 -19.59
C PRO B 130 22.38 -10.58 -20.93
N TYR B 131 21.64 -11.68 -20.92
CA TYR B 131 20.93 -12.14 -22.12
C TYR B 131 19.81 -11.16 -22.49
N MET B 132 19.00 -10.81 -21.50
CA MET B 132 17.92 -9.87 -21.73
C MET B 132 18.43 -8.48 -22.12
N ALA B 133 19.52 -8.02 -21.48
CA ALA B 133 20.08 -6.73 -21.82
C ALA B 133 20.59 -6.71 -23.26
N GLU B 134 21.24 -7.79 -23.68
CA GLU B 134 21.74 -7.89 -25.06
C GLU B 134 20.58 -7.90 -26.08
N GLN B 135 19.48 -8.56 -25.71
CA GLN B 135 18.28 -8.66 -26.55
C GLN B 135 17.52 -7.34 -26.58
N GLY B 136 17.72 -6.52 -25.55
CA GLY B 136 16.95 -5.31 -25.38
C GLY B 136 15.50 -5.58 -25.04
N LYS B 137 15.23 -6.74 -24.45
CA LYS B 137 13.87 -7.12 -24.08
C LYS B 137 13.89 -8.30 -23.12
N GLY B 138 12.93 -8.34 -22.23
CA GLY B 138 12.81 -9.45 -21.30
C GLY B 138 11.68 -9.21 -20.35
N LYS B 139 11.19 -10.30 -19.75
CA LYS B 139 10.16 -10.23 -18.72
C LYS B 139 10.68 -11.00 -17.52
N ILE B 140 10.67 -10.36 -16.35
CA ILE B 140 11.01 -11.02 -15.10
C ILE B 140 9.78 -10.97 -14.22
N ILE B 141 9.38 -12.14 -13.70
CA ILE B 141 8.19 -12.25 -12.85
C ILE B 141 8.63 -12.94 -11.57
N ASN B 142 8.49 -12.25 -10.45
CA ASN B 142 8.94 -12.77 -9.17
C ASN B 142 7.76 -13.17 -8.30
N THR B 143 7.80 -14.34 -7.70
CA THR B 143 6.68 -14.80 -6.90
C THR B 143 6.88 -14.39 -5.44
N SER B 144 6.03 -13.49 -4.98
CA SER B 144 5.99 -13.10 -3.57
C SER B 144 4.87 -13.91 -2.92
N SER B 145 4.12 -13.30 -2.01
CA SER B 145 3.05 -13.99 -1.27
C SER B 145 2.30 -12.96 -0.46
N VAL B 146 1.03 -13.22 -0.22
CA VAL B 146 0.29 -12.43 0.77
C VAL B 146 1.00 -12.43 2.13
N THR B 147 1.78 -13.47 2.44
CA THR B 147 2.53 -13.46 3.69
C THR B 147 3.60 -12.37 3.67
N GLY B 148 4.16 -12.10 2.50
CA GLY B 148 5.13 -11.02 2.38
C GLY B 148 4.50 -9.65 2.55
N THR B 149 3.30 -9.48 2.01
CA THR B 149 2.64 -8.17 2.04
C THR B 149 1.95 -7.91 3.36
N TYR B 150 1.49 -8.96 4.04
CA TYR B 150 0.62 -8.79 5.20
C TYR B 150 1.15 -9.43 6.49
N GLY B 151 2.19 -10.24 6.38
CA GLY B 151 2.67 -11.04 7.50
C GLY B 151 1.78 -12.24 7.76
N ASN B 152 2.31 -13.25 8.45
CA ASN B 152 1.52 -14.42 8.80
C ASN B 152 2.19 -15.14 9.95
N VAL B 153 1.42 -15.47 10.98
CA VAL B 153 1.94 -16.19 12.15
C VAL B 153 2.70 -17.45 11.75
N GLY B 154 3.88 -17.63 12.34
CA GLY B 154 4.69 -18.80 12.11
C GLY B 154 5.58 -18.71 10.89
N GLN B 155 5.61 -17.54 10.24
CA GLN B 155 6.34 -17.41 8.99
C GLN B 155 7.33 -16.25 8.95
N THR B 156 8.03 -15.99 10.06
CA THR B 156 9.01 -14.92 10.11
C THR B 156 9.96 -14.92 8.91
N ASN B 157 10.50 -16.10 8.62
CA ASN B 157 11.49 -16.24 7.56
C ASN B 157 10.92 -16.09 6.15
N TYR B 158 9.78 -16.74 5.93
CA TYR B 158 9.10 -16.72 4.65
C TYR B 158 8.57 -15.31 4.36
N ALA B 159 8.03 -14.63 5.37
CA ALA B 159 7.60 -13.24 5.22
C ALA B 159 8.78 -12.32 4.89
N ALA B 160 9.90 -12.51 5.58
CA ALA B 160 11.10 -11.73 5.27
C ALA B 160 11.49 -11.90 3.81
N ALA B 161 11.57 -13.15 3.36
CA ALA B 161 11.99 -13.42 2.00
C ALA B 161 11.01 -12.87 0.98
N LYS B 162 9.72 -13.13 1.18
CA LYS B 162 8.72 -12.75 0.19
C LYS B 162 8.53 -11.23 0.14
N ALA B 163 8.65 -10.55 1.28
CA ALA B 163 8.63 -9.10 1.27
C ALA B 163 9.89 -8.59 0.59
N GLY B 164 11.04 -9.20 0.90
CA GLY B 164 12.29 -8.83 0.25
C GLY B 164 12.23 -8.92 -1.26
N VAL B 165 11.53 -9.93 -1.76
CA VAL B 165 11.35 -10.11 -3.20
C VAL B 165 10.65 -8.90 -3.81
N ILE B 166 9.72 -8.29 -3.08
CA ILE B 166 9.05 -7.10 -3.58
C ILE B 166 10.01 -5.90 -3.64
N GLY B 167 10.83 -5.74 -2.60
CA GLY B 167 11.83 -4.69 -2.63
C GLY B 167 12.76 -4.82 -3.82
N MET B 168 13.19 -6.04 -4.12
CA MET B 168 14.06 -6.25 -5.28
C MET B 168 13.29 -5.99 -6.58
N THR B 169 12.04 -6.41 -6.63
CA THR B 169 11.21 -6.23 -7.82
C THR B 169 11.10 -4.75 -8.16
N LYS B 170 10.84 -3.92 -7.16
CA LYS B 170 10.67 -2.49 -7.41
C LYS B 170 11.99 -1.82 -7.81
N THR B 171 13.07 -2.27 -7.20
CA THR B 171 14.39 -1.79 -7.58
C THR B 171 14.74 -2.14 -9.03
N TRP B 172 14.49 -3.38 -9.39
CA TRP B 172 14.82 -3.86 -10.73
C TRP B 172 13.95 -3.22 -11.80
N ALA B 173 12.69 -2.98 -11.48
CA ALA B 173 11.82 -2.27 -12.43
C ALA B 173 12.42 -0.90 -12.75
N LYS B 174 12.95 -0.22 -11.73
CA LYS B 174 13.61 1.06 -11.97
C LYS B 174 14.93 0.95 -12.73
N GLU B 175 15.74 -0.05 -12.39
CA GLU B 175 17.07 -0.20 -12.99
C GLU B 175 17.02 -0.68 -14.42
N LEU B 176 16.07 -1.55 -14.71
CA LEU B 176 16.11 -2.32 -15.95
C LEU B 176 15.15 -1.84 -17.00
N ALA B 177 14.32 -0.86 -16.67
CA ALA B 177 13.34 -0.38 -17.64
C ALA B 177 14.02 0.13 -18.91
N ARG B 178 15.12 0.87 -18.73
CA ARG B 178 15.88 1.41 -19.85
C ARG B 178 16.44 0.33 -20.78
N LYS B 179 16.47 -0.91 -20.31
CA LYS B 179 16.98 -2.04 -21.08
C LYS B 179 15.86 -2.79 -21.81
N GLY B 180 14.64 -2.29 -21.73
CA GLY B 180 13.51 -2.94 -22.37
C GLY B 180 12.96 -4.13 -21.60
N ILE B 181 13.27 -4.17 -20.31
CA ILE B 181 12.88 -5.29 -19.46
C ILE B 181 11.77 -4.86 -18.49
N ASN B 182 10.71 -5.65 -18.39
CA ASN B 182 9.66 -5.45 -17.39
C ASN B 182 9.93 -6.35 -16.20
N VAL B 183 9.73 -5.82 -15.00
CA VAL B 183 9.90 -6.62 -13.77
C VAL B 183 8.68 -6.42 -12.89
N ASN B 184 8.00 -7.50 -12.58
CA ASN B 184 6.80 -7.44 -11.75
C ASN B 184 6.79 -8.60 -10.79
N ALA B 185 5.90 -8.53 -9.81
CA ALA B 185 5.74 -9.61 -8.84
C ALA B 185 4.29 -10.07 -8.81
N VAL B 186 4.09 -11.30 -8.37
CA VAL B 186 2.76 -11.81 -8.09
C VAL B 186 2.72 -12.17 -6.62
N ALA B 187 1.62 -11.78 -5.96
CA ALA B 187 1.39 -12.19 -4.58
C ALA B 187 0.18 -13.12 -4.59
N PRO B 188 0.42 -14.44 -4.68
CA PRO B 188 -0.69 -15.38 -4.58
C PRO B 188 -1.22 -15.39 -3.15
N GLY B 189 -2.54 -15.58 -3.03
CA GLY B 189 -3.13 -15.98 -1.78
C GLY B 189 -2.91 -17.46 -1.56
N PHE B 190 -3.56 -18.01 -0.56
CA PHE B 190 -3.43 -19.43 -0.29
C PHE B 190 -3.99 -20.23 -1.46
N THR B 191 -3.15 -21.13 -1.97
CA THR B 191 -3.41 -21.82 -3.23
C THR B 191 -3.20 -23.33 -3.03
N GLU B 192 -4.05 -24.12 -3.66
CA GLU B 192 -4.03 -25.56 -3.48
C GLU B 192 -2.83 -26.25 -4.13
N THR B 193 -1.73 -26.33 -3.38
CA THR B 193 -0.53 -27.04 -3.80
C THR B 193 0.01 -27.81 -2.61
N ALA B 194 1.13 -28.49 -2.81
CA ALA B 194 1.80 -29.20 -1.73
C ALA B 194 2.16 -28.29 -0.55
N MET B 195 2.35 -27.00 -0.84
CA MET B 195 2.77 -26.06 0.21
C MET B 195 1.66 -25.88 1.24
N VAL B 196 0.42 -25.99 0.79
CA VAL B 196 -0.74 -25.82 1.65
C VAL B 196 -1.24 -27.16 2.21
N ALA B 197 -1.08 -28.22 1.43
CA ALA B 197 -1.58 -29.54 1.79
C ALA B 197 -1.08 -30.06 3.14
N GLU B 198 -0.05 -29.42 3.68
CA GLU B 198 0.54 -29.84 4.94
C GLU B 198 -0.05 -29.12 6.15
N VAL B 199 -1.33 -28.80 6.08
CA VAL B 199 -2.04 -28.21 7.21
C VAL B 199 -3.36 -28.96 7.44
N PRO B 200 -3.81 -29.01 8.71
CA PRO B 200 -5.08 -29.69 9.02
C PRO B 200 -6.25 -29.01 8.32
N GLU B 201 -7.17 -29.77 7.77
CA GLU B 201 -8.29 -29.21 7.02
C GLU B 201 -9.12 -28.27 7.87
N LYS B 202 -8.95 -28.36 9.19
CA LYS B 202 -9.65 -27.49 10.13
C LYS B 202 -9.13 -26.06 10.03
N VAL B 203 -7.82 -25.91 9.79
CA VAL B 203 -7.23 -24.59 9.62
C VAL B 203 -7.34 -24.14 8.17
N ILE B 204 -7.66 -25.08 7.28
CA ILE B 204 -7.95 -24.76 5.89
C ILE B 204 -9.20 -23.88 5.81
N GLU B 205 -10.20 -24.23 6.62
CA GLU B 205 -11.44 -23.47 6.66
C GLU B 205 -11.18 -22.06 7.18
N LYS B 206 -10.20 -21.93 8.07
CA LYS B 206 -9.86 -20.64 8.67
C LYS B 206 -9.31 -19.68 7.62
N MET B 207 -8.35 -20.13 6.83
CA MET B 207 -7.82 -19.30 5.76
C MET B 207 -8.87 -19.11 4.67
N LYS B 208 -9.70 -20.13 4.46
CA LYS B 208 -10.82 -20.00 3.53
C LYS B 208 -11.83 -18.96 4.01
N ALA B 209 -12.05 -18.89 5.31
CA ALA B 209 -13.01 -17.96 5.89
C ALA B 209 -12.57 -16.51 5.74
N GLN B 210 -11.28 -16.30 5.54
CA GLN B 210 -10.74 -14.96 5.33
C GLN B 210 -10.84 -14.52 3.88
N VAL B 211 -11.24 -15.43 3.00
CA VAL B 211 -11.35 -15.11 1.58
C VAL B 211 -12.82 -14.91 1.25
N PRO B 212 -13.21 -13.69 0.85
CA PRO B 212 -14.64 -13.47 0.59
C PRO B 212 -15.19 -14.34 -0.55
N MET B 213 -14.33 -14.76 -1.47
CA MET B 213 -14.73 -15.69 -2.54
C MET B 213 -15.00 -17.10 -2.03
N GLY B 214 -14.54 -17.42 -0.83
CA GLY B 214 -14.90 -18.66 -0.17
C GLY B 214 -14.13 -19.88 -0.64
N ARG B 215 -13.01 -19.66 -1.32
CA ARG B 215 -12.20 -20.76 -1.81
C ARG B 215 -10.74 -20.37 -1.83
N LEU B 216 -9.88 -21.38 -1.87
CA LEU B 216 -8.45 -21.16 -2.06
C LEU B 216 -8.19 -20.98 -3.55
N GLY B 217 -7.01 -20.47 -3.88
CA GLY B 217 -6.61 -20.36 -5.27
C GLY B 217 -6.31 -21.71 -5.88
N LYS B 218 -6.35 -21.76 -7.19
CA LYS B 218 -5.93 -22.94 -7.93
C LYS B 218 -4.61 -22.59 -8.60
N PRO B 219 -3.76 -23.60 -8.84
CA PRO B 219 -2.54 -23.31 -9.60
C PRO B 219 -2.82 -22.60 -10.93
N GLU B 220 -3.90 -22.96 -11.61
CA GLU B 220 -4.25 -22.29 -12.86
C GLU B 220 -4.48 -20.79 -12.69
N ASP B 221 -5.07 -20.39 -11.55
CA ASP B 221 -5.28 -18.96 -11.30
C ASP B 221 -3.96 -18.20 -11.28
N ILE B 222 -2.97 -18.77 -10.60
CA ILE B 222 -1.70 -18.08 -10.46
C ILE B 222 -0.96 -18.13 -11.80
N ALA B 223 -1.01 -19.28 -12.46
CA ALA B 223 -0.40 -19.44 -13.78
C ALA B 223 -0.96 -18.41 -14.77
N ASN B 224 -2.26 -18.13 -14.67
CA ASN B 224 -2.86 -17.13 -15.54
C ASN B 224 -2.30 -15.73 -15.30
N ALA B 225 -1.98 -15.40 -14.04
CA ALA B 225 -1.34 -14.12 -13.76
C ALA B 225 0.10 -14.09 -14.29
N TYR B 226 0.82 -15.20 -14.19
CA TYR B 226 2.15 -15.27 -14.77
C TYR B 226 2.07 -15.02 -16.28
N LEU B 227 1.06 -15.61 -16.94
CA LEU B 227 0.88 -15.44 -18.36
C LEU B 227 0.63 -13.99 -18.72
N PHE B 228 -0.26 -13.33 -17.96
CA PHE B 228 -0.50 -11.91 -18.19
C PHE B 228 0.80 -11.12 -18.13
N LEU B 229 1.56 -11.33 -17.06
CA LEU B 229 2.78 -10.56 -16.82
C LEU B 229 3.93 -10.90 -17.77
N ALA B 230 3.84 -12.04 -18.45
CA ALA B 230 4.86 -12.48 -19.38
C ALA B 230 4.57 -12.06 -20.82
N SER B 231 3.32 -11.69 -21.08
CA SER B 231 2.86 -11.38 -22.42
C SER B 231 2.93 -9.89 -22.74
N HIS B 232 2.70 -9.54 -24.00
CA HIS B 232 2.70 -8.15 -24.43
CA HIS B 232 2.70 -8.14 -24.42
C HIS B 232 1.52 -7.38 -23.84
N GLU B 233 0.53 -8.12 -23.34
CA GLU B 233 -0.67 -7.48 -22.79
C GLU B 233 -0.40 -6.75 -21.47
N SER B 234 0.79 -6.94 -20.91
CA SER B 234 1.21 -6.24 -19.69
C SER B 234 2.46 -5.38 -19.93
N ASP B 235 2.70 -4.97 -21.17
CA ASP B 235 3.93 -4.22 -21.46
C ASP B 235 4.10 -2.90 -20.67
N TYR B 236 3.01 -2.25 -20.27
CA TYR B 236 3.15 -1.02 -19.49
C TYR B 236 2.92 -1.27 -18.00
N VAL B 237 2.84 -2.53 -17.61
CA VAL B 237 2.81 -2.90 -16.19
C VAL B 237 4.26 -3.11 -15.78
N ASN B 238 4.71 -2.34 -14.80
CA ASN B 238 6.11 -2.44 -14.37
C ASN B 238 6.23 -2.07 -12.91
N GLY B 239 6.97 -2.86 -12.14
CA GLY B 239 7.18 -2.59 -10.72
C GLY B 239 5.94 -2.84 -9.89
N HIS B 240 5.02 -3.62 -10.41
CA HIS B 240 3.74 -3.85 -9.75
C HIS B 240 3.68 -5.19 -9.03
N VAL B 241 2.99 -5.22 -7.90
CA VAL B 241 2.71 -6.46 -7.19
C VAL B 241 1.26 -6.86 -7.47
N LEU B 242 1.09 -7.84 -8.34
CA LEU B 242 -0.25 -8.29 -8.73
C LEU B 242 -0.75 -9.35 -7.74
N HIS B 243 -1.76 -9.00 -6.95
CA HIS B 243 -2.34 -9.94 -5.99
C HIS B 243 -3.34 -10.84 -6.68
N VAL B 244 -3.22 -12.14 -6.40
CA VAL B 244 -4.18 -13.14 -6.90
C VAL B 244 -4.58 -13.94 -5.67
N ASP B 245 -5.48 -13.35 -4.88
CA ASP B 245 -5.71 -13.84 -3.52
C ASP B 245 -7.18 -13.87 -3.11
N GLY B 246 -8.08 -13.72 -4.09
CA GLY B 246 -9.51 -13.75 -3.83
C GLY B 246 -10.03 -12.62 -2.95
N GLY B 247 -9.22 -11.59 -2.78
CA GLY B 247 -9.57 -10.47 -1.92
C GLY B 247 -9.39 -10.79 -0.45
N ILE B 248 -8.42 -11.65 -0.15
CA ILE B 248 -8.25 -12.14 1.22
C ILE B 248 -8.07 -11.03 2.26
N MET B 249 -8.67 -11.23 3.42
CA MET B 249 -8.55 -10.30 4.52
C MET B 249 -7.46 -10.80 5.44
N MET B 250 -6.39 -10.03 5.51
CA MET B 250 -5.18 -10.47 6.17
C MET B 250 -4.49 -9.27 6.81
N SER C 9 -13.01 -17.66 -27.97
CA SER C 9 -12.43 -16.37 -27.60
C SER C 9 -12.69 -16.02 -26.14
N ARG C 10 -11.84 -15.19 -25.57
CA ARG C 10 -11.82 -14.97 -24.12
C ARG C 10 -13.10 -14.42 -23.54
N LEU C 11 -13.82 -13.62 -24.33
CA LEU C 11 -15.04 -12.97 -23.85
C LEU C 11 -16.23 -13.38 -24.69
N GLN C 12 -16.17 -14.57 -25.27
CA GLN C 12 -17.23 -15.00 -26.19
C GLN C 12 -18.64 -14.93 -25.63
N ASP C 13 -19.49 -14.19 -26.33
CA ASP C 13 -20.91 -14.00 -25.99
C ASP C 13 -21.18 -13.24 -24.70
N LYS C 14 -20.13 -12.67 -24.10
CA LYS C 14 -20.29 -11.85 -22.90
C LYS C 14 -20.75 -10.45 -23.28
N VAL C 15 -21.74 -9.94 -22.55
CA VAL C 15 -22.21 -8.59 -22.78
C VAL C 15 -21.47 -7.61 -21.88
N ALA C 16 -20.79 -6.64 -22.48
CA ALA C 16 -19.98 -5.69 -21.74
C ALA C 16 -20.45 -4.26 -21.96
N ILE C 17 -20.79 -3.57 -20.88
CA ILE C 17 -21.02 -2.13 -20.93
C ILE C 17 -19.73 -1.42 -20.55
N ILE C 18 -19.24 -0.56 -21.44
CA ILE C 18 -18.03 0.22 -21.15
C ILE C 18 -18.40 1.69 -21.17
N THR C 19 -18.39 2.33 -20.01
CA THR C 19 -18.74 3.72 -19.97
C THR C 19 -17.55 4.53 -20.44
N GLY C 20 -17.82 5.66 -21.07
CA GLY C 20 -16.77 6.49 -21.62
C GLY C 20 -16.04 5.89 -22.81
N ALA C 21 -16.67 4.95 -23.51
CA ALA C 21 -15.96 4.21 -24.55
C ALA C 21 -16.07 4.81 -25.95
N ALA C 22 -16.52 6.07 -26.07
CA ALA C 22 -16.56 6.70 -27.39
C ALA C 22 -15.20 7.27 -27.80
N ASN C 23 -14.28 7.35 -26.85
CA ASN C 23 -12.94 7.90 -27.07
C ASN C 23 -11.89 7.19 -26.24
N GLY C 24 -10.64 7.39 -26.61
CA GLY C 24 -9.53 7.08 -25.72
C GLY C 24 -9.40 5.64 -25.28
N ILE C 25 -9.10 5.45 -24.01
CA ILE C 25 -8.92 4.13 -23.43
C ILE C 25 -10.15 3.27 -23.66
N GLY C 26 -11.33 3.83 -23.38
CA GLY C 26 -12.56 3.08 -23.48
C GLY C 26 -12.86 2.62 -24.89
N LEU C 27 -12.60 3.48 -25.87
CA LEU C 27 -12.81 3.10 -27.27
C LEU C 27 -11.91 1.94 -27.65
N GLU C 28 -10.66 1.99 -27.23
CA GLU C 28 -9.75 0.91 -27.58
C GLU C 28 -10.19 -0.37 -26.87
N ALA C 29 -10.68 -0.24 -25.65
CA ALA C 29 -11.19 -1.41 -24.93
C ALA C 29 -12.40 -2.01 -25.64
N ALA C 30 -13.28 -1.17 -26.16
CA ALA C 30 -14.41 -1.67 -26.92
C ALA C 30 -13.93 -2.52 -28.07
N ARG C 31 -12.93 -2.04 -28.82
CA ARG C 31 -12.41 -2.76 -29.95
C ARG C 31 -11.73 -4.08 -29.55
N VAL C 32 -10.91 -4.02 -28.50
CA VAL C 32 -10.25 -5.22 -27.99
C VAL C 32 -11.30 -6.25 -27.53
N PHE C 33 -12.32 -5.78 -26.83
CA PHE C 33 -13.34 -6.68 -26.32
C PHE C 33 -14.13 -7.32 -27.46
N MET C 34 -14.42 -6.54 -28.50
CA MET C 34 -15.10 -7.10 -29.67
C MET C 34 -14.25 -8.17 -30.34
N LYS C 35 -12.94 -7.92 -30.45
CA LYS C 35 -12.03 -8.90 -31.03
C LYS C 35 -12.00 -10.18 -30.23
N GLU C 36 -12.27 -10.07 -28.93
CA GLU C 36 -12.28 -11.23 -28.05
C GLU C 36 -13.68 -11.83 -27.89
N GLY C 37 -14.62 -11.43 -28.75
CA GLY C 37 -15.90 -12.09 -28.84
C GLY C 37 -17.04 -11.50 -28.05
N ALA C 38 -16.80 -10.39 -27.35
CA ALA C 38 -17.83 -9.77 -26.54
C ALA C 38 -18.84 -8.98 -27.36
N LYS C 39 -20.05 -8.86 -26.82
CA LYS C 39 -21.04 -7.93 -27.34
C LYS C 39 -20.85 -6.65 -26.55
N VAL C 40 -20.41 -5.58 -27.22
CA VAL C 40 -19.99 -4.38 -26.53
C VAL C 40 -20.98 -3.23 -26.68
N VAL C 41 -21.34 -2.65 -25.54
CA VAL C 41 -22.14 -1.44 -25.52
C VAL C 41 -21.24 -0.29 -25.07
N ILE C 42 -21.03 0.67 -25.97
CA ILE C 42 -20.36 1.92 -25.63
C ILE C 42 -21.40 2.84 -25.03
N ALA C 43 -21.19 3.22 -23.78
CA ALA C 43 -22.10 4.13 -23.09
C ALA C 43 -21.35 5.42 -22.82
N ASP C 44 -21.72 6.50 -23.50
CA ASP C 44 -20.93 7.73 -23.48
C ASP C 44 -21.84 8.93 -23.68
N PHE C 45 -21.42 10.08 -23.15
CA PHE C 45 -22.17 11.33 -23.26
C PHE C 45 -21.95 12.02 -24.60
N ASN C 46 -20.88 11.63 -25.29
CA ASN C 46 -20.48 12.24 -26.56
C ASN C 46 -21.14 11.52 -27.74
N GLU C 47 -22.23 12.09 -28.23
CA GLU C 47 -23.02 11.46 -29.29
C GLU C 47 -22.28 11.36 -30.61
N ALA C 48 -21.62 12.44 -31.01
CA ALA C 48 -20.88 12.45 -32.27
C ALA C 48 -19.82 11.36 -32.29
N ALA C 49 -19.04 11.28 -31.21
CA ALA C 49 -18.00 10.27 -31.11
C ALA C 49 -18.61 8.86 -31.06
N GLY C 50 -19.72 8.74 -30.35
CA GLY C 50 -20.41 7.46 -30.25
C GLY C 50 -20.88 6.96 -31.60
N LYS C 51 -21.48 7.83 -32.39
CA LYS C 51 -21.94 7.45 -33.72
C LYS C 51 -20.76 7.10 -34.63
N GLU C 52 -19.65 7.81 -34.47
CA GLU C 52 -18.45 7.52 -35.26
C GLU C 52 -17.91 6.14 -34.95
N ALA C 53 -17.95 5.75 -33.68
CA ALA C 53 -17.49 4.43 -33.26
C ALA C 53 -18.36 3.34 -33.87
N VAL C 54 -19.66 3.59 -33.92
CA VAL C 54 -20.59 2.64 -34.52
C VAL C 54 -20.28 2.40 -35.99
N GLU C 55 -20.03 3.48 -36.73
CA GLU C 55 -19.69 3.39 -38.13
C GLU C 55 -18.35 2.68 -38.37
N ALA C 56 -17.41 2.86 -37.46
CA ALA C 56 -16.06 2.35 -37.64
C ALA C 56 -15.93 0.89 -37.23
N ASN C 57 -16.86 0.42 -36.40
CA ASN C 57 -16.78 -0.90 -35.81
C ASN C 57 -18.10 -1.63 -35.89
N PRO C 58 -18.41 -2.20 -37.07
CA PRO C 58 -19.66 -2.94 -37.26
C PRO C 58 -19.91 -3.93 -36.14
N GLY C 59 -21.08 -3.85 -35.52
CA GLY C 59 -21.42 -4.75 -34.43
C GLY C 59 -21.42 -4.09 -33.05
N VAL C 60 -20.72 -2.97 -32.90
CA VAL C 60 -20.74 -2.28 -31.62
C VAL C 60 -22.06 -1.54 -31.45
N VAL C 61 -22.54 -1.46 -30.21
CA VAL C 61 -23.76 -0.73 -29.91
C VAL C 61 -23.39 0.54 -29.15
N PHE C 62 -23.98 1.67 -29.51
CA PHE C 62 -23.81 2.91 -28.77
C PHE C 62 -25.12 3.33 -28.14
N ILE C 63 -25.08 3.61 -26.84
CA ILE C 63 -26.21 4.19 -26.13
C ILE C 63 -25.72 5.42 -25.38
N ARG C 64 -26.35 6.57 -25.61
CA ARG C 64 -25.95 7.77 -24.93
C ARG C 64 -26.30 7.67 -23.45
N VAL C 65 -25.35 8.02 -22.60
CA VAL C 65 -25.59 8.10 -21.16
C VAL C 65 -24.81 9.26 -20.56
N ASP C 66 -25.36 9.85 -19.52
CA ASP C 66 -24.61 10.70 -18.62
C ASP C 66 -24.52 9.91 -17.32
N VAL C 67 -23.33 9.40 -17.00
CA VAL C 67 -23.20 8.53 -15.82
C VAL C 67 -23.52 9.25 -14.51
N SER C 68 -23.48 10.58 -14.51
CA SER C 68 -23.79 11.35 -13.30
C SER C 68 -25.29 11.51 -13.11
N ASP C 69 -26.07 11.06 -14.08
CA ASP C 69 -27.52 11.22 -14.04
C ASP C 69 -28.18 9.85 -13.84
N ARG C 70 -28.76 9.63 -12.68
CA ARG C 70 -29.27 8.32 -12.32
C ARG C 70 -30.35 7.82 -13.29
N GLU C 71 -31.19 8.72 -13.77
CA GLU C 71 -32.24 8.37 -14.72
C GLU C 71 -31.64 7.90 -16.05
N SER C 72 -30.64 8.63 -16.51
CA SER C 72 -29.93 8.28 -17.73
C SER C 72 -29.32 6.88 -17.63
N VAL C 73 -28.70 6.60 -16.48
CA VAL C 73 -28.10 5.30 -16.22
C VAL C 73 -29.15 4.18 -16.15
N HIS C 74 -30.28 4.47 -15.53
CA HIS C 74 -31.39 3.52 -15.46
C HIS C 74 -31.86 3.14 -16.87
N ARG C 75 -31.99 4.14 -17.73
CA ARG C 75 -32.43 3.91 -19.10
C ARG C 75 -31.40 3.09 -19.86
N LEU C 76 -30.11 3.40 -19.65
CA LEU C 76 -29.04 2.64 -20.30
C LEU C 76 -29.15 1.16 -20.01
N VAL C 77 -29.23 0.84 -18.73
CA VAL C 77 -29.20 -0.55 -18.29
C VAL C 77 -30.46 -1.33 -18.70
N GLU C 78 -31.62 -0.68 -18.63
CA GLU C 78 -32.85 -1.28 -19.11
C GLU C 78 -32.75 -1.60 -20.59
N ASN C 79 -32.17 -0.67 -21.34
CA ASN C 79 -32.01 -0.81 -22.78
C ASN C 79 -31.10 -2.01 -23.11
N VAL C 80 -29.99 -2.12 -22.40
CA VAL C 80 -29.06 -3.24 -22.62
C VAL C 80 -29.71 -4.57 -22.27
N ALA C 81 -30.37 -4.61 -21.12
CA ALA C 81 -31.06 -5.80 -20.65
C ALA C 81 -32.14 -6.25 -21.63
N GLU C 82 -32.86 -5.31 -22.21
CA GLU C 82 -33.90 -5.63 -23.19
C GLU C 82 -33.30 -6.24 -24.44
N ARG C 83 -32.16 -5.70 -24.85
CA ARG C 83 -31.52 -6.15 -26.09
C ARG C 83 -30.88 -7.52 -25.92
N PHE C 84 -30.13 -7.68 -24.83
CA PHE C 84 -29.26 -8.84 -24.72
C PHE C 84 -29.64 -9.83 -23.63
N GLY C 85 -30.51 -9.41 -22.72
CA GLY C 85 -31.01 -10.31 -21.69
C GLY C 85 -30.07 -10.54 -20.52
N LYS C 86 -28.87 -9.97 -20.59
CA LYS C 86 -27.89 -10.15 -19.53
C LYS C 86 -26.87 -9.04 -19.61
N ILE C 87 -26.16 -8.85 -18.50
CA ILE C 87 -25.02 -7.94 -18.46
C ILE C 87 -23.91 -8.66 -17.72
N ASP C 88 -22.83 -8.98 -18.41
CA ASP C 88 -21.77 -9.80 -17.85
C ASP C 88 -20.61 -8.99 -17.27
N ILE C 89 -20.36 -7.83 -17.87
CA ILE C 89 -19.19 -7.03 -17.54
C ILE C 89 -19.59 -5.56 -17.52
N LEU C 90 -19.20 -4.83 -16.47
CA LEU C 90 -19.30 -3.39 -16.47
C LEU C 90 -17.93 -2.78 -16.25
N ILE C 91 -17.51 -1.90 -17.15
CA ILE C 91 -16.29 -1.14 -16.96
C ILE C 91 -16.67 0.32 -16.73
N ASN C 92 -16.38 0.80 -15.52
CA ASN C 92 -16.66 2.19 -15.15
C ASN C 92 -15.47 3.04 -15.53
N ASN C 93 -15.42 3.42 -16.79
CA ASN C 93 -14.26 4.09 -17.39
C ASN C 93 -14.50 5.58 -17.68
N ALA C 94 -15.75 6.02 -17.73
CA ALA C 94 -16.02 7.44 -17.96
C ALA C 94 -15.39 8.30 -16.88
N GLY C 95 -14.82 9.43 -17.28
CA GLY C 95 -14.23 10.34 -16.31
C GLY C 95 -13.95 11.71 -16.93
N ILE C 96 -13.84 12.71 -16.07
CA ILE C 96 -13.51 14.08 -16.47
C ILE C 96 -12.48 14.63 -15.48
N THR C 97 -11.84 15.72 -15.88
CA THR C 97 -11.02 16.51 -14.97
C THR C 97 -11.49 17.96 -14.96
N ARG C 98 -11.36 18.60 -13.80
CA ARG C 98 -11.59 20.03 -13.68
C ARG C 98 -10.51 20.54 -12.72
N ASP C 99 -9.29 20.64 -13.24
CA ASP C 99 -8.12 20.88 -12.42
C ASP C 99 -8.05 22.30 -11.88
N SER C 100 -7.55 22.41 -10.65
CA SER C 100 -7.30 23.69 -10.00
C SER C 100 -6.47 23.45 -8.74
N MET C 101 -5.60 24.39 -8.40
CA MET C 101 -4.96 24.35 -7.09
C MET C 101 -6.05 24.45 -6.03
N LEU C 102 -5.82 23.83 -4.88
CA LEU C 102 -6.79 23.89 -3.79
C LEU C 102 -7.21 25.32 -3.46
N SER C 103 -6.25 26.25 -3.46
CA SER C 103 -6.54 27.63 -3.08
C SER C 103 -7.53 28.32 -4.02
N LYS C 104 -7.67 27.80 -5.23
CA LYS C 104 -8.53 28.44 -6.24
C LYS C 104 -9.73 27.57 -6.65
N MET C 105 -9.82 26.35 -6.16
CA MET C 105 -10.82 25.41 -6.66
C MET C 105 -12.23 25.82 -6.22
N THR C 106 -13.15 25.87 -7.18
CA THR C 106 -14.52 26.25 -6.86
C THR C 106 -15.30 25.00 -6.43
N VAL C 107 -16.41 25.22 -5.74
CA VAL C 107 -17.27 24.11 -5.36
C VAL C 107 -17.80 23.39 -6.59
N ASP C 108 -18.12 24.15 -7.63
CA ASP C 108 -18.58 23.55 -8.88
C ASP C 108 -17.53 22.63 -9.51
N GLN C 109 -16.27 23.07 -9.54
CA GLN C 109 -15.21 22.20 -10.06
C GLN C 109 -15.09 20.93 -9.24
N PHE C 110 -15.18 21.06 -7.93
CA PHE C 110 -15.08 19.91 -7.05
C PHE C 110 -16.24 18.95 -7.27
N GLN C 111 -17.45 19.48 -7.18
CA GLN C 111 -18.64 18.65 -7.25
C GLN C 111 -18.85 17.99 -8.61
N GLN C 112 -18.51 18.69 -9.70
CA GLN C 112 -18.67 18.12 -11.04
C GLN C 112 -17.86 16.84 -11.17
N VAL C 113 -16.62 16.89 -10.70
CA VAL C 113 -15.74 15.74 -10.79
C VAL C 113 -16.21 14.62 -9.88
N ILE C 114 -16.66 14.95 -8.68
CA ILE C 114 -17.23 13.91 -7.80
C ILE C 114 -18.45 13.26 -8.47
N ASN C 115 -19.32 14.07 -9.05
CA ASN C 115 -20.54 13.56 -9.67
C ASN C 115 -20.27 12.53 -10.76
N VAL C 116 -19.33 12.82 -11.64
CA VAL C 116 -19.03 11.92 -12.75
C VAL C 116 -18.12 10.77 -12.32
N ASN C 117 -17.01 11.11 -11.65
CA ASN C 117 -15.95 10.14 -11.43
C ASN C 117 -16.17 9.26 -10.21
N LEU C 118 -17.06 9.67 -9.30
CA LEU C 118 -17.31 8.89 -8.10
C LEU C 118 -18.77 8.44 -8.06
N THR C 119 -19.69 9.38 -7.99
CA THR C 119 -21.10 9.03 -7.91
C THR C 119 -21.56 8.26 -9.15
N GLY C 120 -21.02 8.60 -10.32
CA GLY C 120 -21.37 7.93 -11.55
C GLY C 120 -21.02 6.45 -11.51
N VAL C 121 -19.90 6.13 -10.89
CA VAL C 121 -19.48 4.75 -10.71
C VAL C 121 -20.47 4.03 -9.79
N PHE C 122 -20.89 4.71 -8.73
CA PHE C 122 -21.95 4.18 -7.88
C PHE C 122 -23.25 3.94 -8.67
N HIS C 123 -23.69 4.91 -9.46
CA HIS C 123 -24.93 4.76 -10.20
C HIS C 123 -24.88 3.55 -11.14
N CYS C 124 -23.81 3.45 -11.91
CA CYS C 124 -23.74 2.41 -12.93
C CYS C 124 -23.66 1.04 -12.29
N THR C 125 -22.89 0.93 -11.22
CA THR C 125 -22.71 -0.35 -10.57
C THR C 125 -23.99 -0.81 -9.90
N GLN C 126 -24.66 0.10 -9.20
CA GLN C 126 -25.93 -0.27 -8.60
C GLN C 126 -26.96 -0.72 -9.65
N ALA C 127 -26.93 -0.08 -10.81
CA ALA C 127 -27.90 -0.37 -11.85
C ALA C 127 -27.67 -1.75 -12.47
N VAL C 128 -26.41 -2.14 -12.67
CA VAL C 128 -26.15 -3.47 -13.26
C VAL C 128 -26.26 -4.61 -12.24
N LEU C 129 -26.07 -4.29 -10.97
CA LEU C 129 -26.00 -5.32 -9.92
C LEU C 129 -27.13 -6.36 -9.92
N PRO C 130 -28.41 -5.93 -10.02
CA PRO C 130 -29.43 -6.97 -9.92
C PRO C 130 -29.38 -7.99 -11.08
N TYR C 131 -28.89 -7.56 -12.23
CA TYR C 131 -28.71 -8.49 -13.36
C TYR C 131 -27.60 -9.49 -13.07
N MET C 132 -26.45 -9.00 -12.61
CA MET C 132 -25.35 -9.88 -12.27
C MET C 132 -25.72 -10.81 -11.12
N ALA C 133 -26.44 -10.30 -10.12
CA ALA C 133 -26.86 -11.11 -8.99
C ALA C 133 -27.78 -12.26 -9.43
N GLU C 134 -28.71 -11.95 -10.34
CA GLU C 134 -29.61 -12.97 -10.87
C GLU C 134 -28.84 -14.06 -11.63
N GLN C 135 -27.84 -13.63 -12.39
CA GLN C 135 -27.00 -14.53 -13.17
C GLN C 135 -26.07 -15.35 -12.27
N GLY C 136 -25.76 -14.79 -11.10
CA GLY C 136 -24.78 -15.40 -10.21
C GLY C 136 -23.37 -15.27 -10.77
N LYS C 137 -23.17 -14.27 -11.61
CA LYS C 137 -21.86 -14.06 -12.24
C LYS C 137 -21.75 -12.64 -12.75
N GLY C 138 -20.57 -12.06 -12.68
CA GLY C 138 -20.35 -10.75 -13.24
C GLY C 138 -18.94 -10.26 -12.99
N LYS C 139 -18.49 -9.30 -13.80
CA LYS C 139 -17.20 -8.65 -13.59
C LYS C 139 -17.43 -7.15 -13.59
N ILE C 140 -16.92 -6.50 -12.56
CA ILE C 140 -16.95 -5.05 -12.44
CA ILE C 140 -16.95 -5.05 -12.48
C ILE C 140 -15.51 -4.56 -12.45
N ILE C 141 -15.20 -3.61 -13.31
CA ILE C 141 -13.85 -3.05 -13.40
C ILE C 141 -13.98 -1.54 -13.30
N ASN C 142 -13.36 -0.96 -12.28
CA ASN C 142 -13.45 0.46 -12.04
C ASN C 142 -12.15 1.16 -12.37
N THR C 143 -12.22 2.26 -13.09
CA THR C 143 -11.02 2.98 -13.46
C THR C 143 -10.66 4.05 -12.43
N SER C 144 -9.54 3.83 -11.74
CA SER C 144 -9.00 4.80 -10.81
C SER C 144 -7.91 5.57 -11.55
N SER C 145 -6.81 5.88 -10.87
CA SER C 145 -5.69 6.62 -11.45
C SER C 145 -4.56 6.64 -10.45
N VAL C 146 -3.33 6.76 -10.96
CA VAL C 146 -2.20 7.03 -10.09
C VAL C 146 -2.41 8.30 -9.27
N THR C 147 -3.22 9.24 -9.77
CA THR C 147 -3.54 10.42 -9.00
C THR C 147 -4.35 10.07 -7.75
N GLY C 148 -5.22 9.08 -7.87
CA GLY C 148 -5.97 8.60 -6.71
C GLY C 148 -5.08 7.92 -5.68
N THR C 149 -4.07 7.17 -6.15
CA THR C 149 -3.24 6.40 -5.24
C THR C 149 -2.12 7.24 -4.62
N TYR C 150 -1.68 8.28 -5.34
CA TYR C 150 -0.48 9.00 -4.95
C TYR C 150 -0.70 10.49 -4.75
N GLY C 151 -1.84 11.00 -5.16
CA GLY C 151 -2.09 12.44 -5.16
C GLY C 151 -1.39 13.11 -6.34
N ASN C 152 -1.86 14.30 -6.71
CA ASN C 152 -1.22 15.05 -7.80
C ASN C 152 -1.60 16.52 -7.69
N VAL C 153 -0.59 17.39 -7.73
CA VAL C 153 -0.81 18.84 -7.67
C VAL C 153 -1.87 19.27 -8.68
N GLY C 154 -2.83 20.06 -8.19
CA GLY C 154 -3.89 20.61 -9.04
C GLY C 154 -5.11 19.73 -9.20
N GLN C 155 -5.13 18.60 -8.50
CA GLN C 155 -6.18 17.62 -8.71
C GLN C 155 -6.87 17.15 -7.44
N THR C 156 -7.11 18.07 -6.51
CA THR C 156 -7.84 17.74 -5.29
C THR C 156 -9.09 16.91 -5.56
N ASN C 157 -9.91 17.39 -6.50
CA ASN C 157 -11.19 16.76 -6.80
C ASN C 157 -11.05 15.41 -7.49
N TYR C 158 -10.15 15.33 -8.46
CA TYR C 158 -9.93 14.11 -9.22
C TYR C 158 -9.28 13.05 -8.34
N ALA C 159 -8.33 13.47 -7.49
CA ALA C 159 -7.74 12.56 -6.53
C ALA C 159 -8.78 12.02 -5.55
N ALA C 160 -9.65 12.90 -5.08
CA ALA C 160 -10.71 12.47 -4.16
C ALA C 160 -11.57 11.40 -4.81
N ALA C 161 -11.99 11.66 -6.04
CA ALA C 161 -12.87 10.75 -6.73
C ALA C 161 -12.20 9.43 -7.04
N LYS C 162 -10.98 9.49 -7.56
CA LYS C 162 -10.30 8.28 -8.00
C LYS C 162 -9.87 7.43 -6.81
N ALA C 163 -9.50 8.07 -5.70
CA ALA C 163 -9.24 7.32 -4.48
C ALA C 163 -10.54 6.72 -3.95
N GLY C 164 -11.62 7.50 -3.98
CA GLY C 164 -12.92 7.01 -3.55
C GLY C 164 -13.37 5.78 -4.31
N VAL C 165 -13.04 5.74 -5.60
CA VAL C 165 -13.35 4.59 -6.44
C VAL C 165 -12.67 3.33 -5.90
N ILE C 166 -11.46 3.47 -5.37
CA ILE C 166 -10.78 2.32 -4.79
C ILE C 166 -11.49 1.83 -3.51
N GLY C 167 -11.91 2.76 -2.67
CA GLY C 167 -12.65 2.39 -1.48
C GLY C 167 -13.92 1.62 -1.83
N MET C 168 -14.63 2.09 -2.84
CA MET C 168 -15.84 1.38 -3.28
C MET C 168 -15.49 0.01 -3.86
N THR C 169 -14.42 -0.05 -4.64
CA THR C 169 -13.98 -1.31 -5.25
C THR C 169 -13.74 -2.37 -4.18
N LYS C 170 -13.03 -1.99 -3.12
CA LYS C 170 -12.71 -2.93 -2.07
C LYS C 170 -13.93 -3.37 -1.29
N THR C 171 -14.84 -2.42 -1.07
CA THR C 171 -16.10 -2.74 -0.39
C THR C 171 -16.92 -3.72 -1.23
N TRP C 172 -17.05 -3.43 -2.51
CA TRP C 172 -17.85 -4.27 -3.39
C TRP C 172 -17.26 -5.65 -3.60
N ALA C 173 -15.93 -5.76 -3.63
CA ALA C 173 -15.30 -7.06 -3.70
C ALA C 173 -15.75 -7.91 -2.51
N LYS C 174 -15.78 -7.31 -1.32
CA LYS C 174 -16.23 -8.02 -0.14
C LYS C 174 -17.73 -8.35 -0.16
N GLU C 175 -18.54 -7.39 -0.58
CA GLU C 175 -20.00 -7.57 -0.56
C GLU C 175 -20.51 -8.54 -1.59
N LEU C 176 -19.89 -8.52 -2.77
CA LEU C 176 -20.44 -9.18 -3.94
C LEU C 176 -19.81 -10.51 -4.27
N ALA C 177 -18.76 -10.88 -3.54
CA ALA C 177 -18.05 -12.12 -3.82
C ALA C 177 -18.99 -13.33 -3.77
N ARG C 178 -19.85 -13.36 -2.76
CA ARG C 178 -20.79 -14.47 -2.59
C ARG C 178 -21.82 -14.55 -3.72
N LYS C 179 -21.88 -13.51 -4.55
CA LYS C 179 -22.80 -13.48 -5.69
C LYS C 179 -22.13 -13.93 -6.98
N GLY C 180 -20.89 -14.38 -6.90
CA GLY C 180 -20.14 -14.80 -8.07
C GLY C 180 -19.59 -13.65 -8.89
N ILE C 181 -19.46 -12.48 -8.27
CA ILE C 181 -19.03 -11.27 -8.95
C ILE C 181 -17.61 -10.87 -8.51
N ASN C 182 -16.73 -10.60 -9.48
CA ASN C 182 -15.39 -10.05 -9.20
C ASN C 182 -15.45 -8.55 -9.36
N VAL C 183 -14.77 -7.84 -8.46
CA VAL C 183 -14.70 -6.38 -8.53
C VAL C 183 -13.25 -5.96 -8.35
N ASN C 184 -12.71 -5.24 -9.33
CA ASN C 184 -11.31 -4.81 -9.29
C ASN C 184 -11.21 -3.43 -9.88
N ALA C 185 -10.05 -2.80 -9.69
CA ALA C 185 -9.81 -1.49 -10.27
C ALA C 185 -8.53 -1.49 -11.07
N VAL C 186 -8.44 -0.55 -12.00
CA VAL C 186 -7.20 -0.29 -12.72
C VAL C 186 -6.76 1.13 -12.38
N ALA C 187 -5.47 1.29 -12.10
CA ALA C 187 -4.90 2.61 -11.92
C ALA C 187 -3.95 2.87 -13.09
N PRO C 188 -4.44 3.50 -14.15
CA PRO C 188 -3.53 3.87 -15.25
C PRO C 188 -2.59 4.96 -14.80
N GLY C 189 -1.36 4.91 -15.32
CA GLY C 189 -0.49 6.06 -15.26
C GLY C 189 -0.90 6.99 -16.37
N PHE C 190 -0.09 8.00 -16.61
CA PHE C 190 -0.41 8.98 -17.64
C PHE C 190 -0.40 8.29 -19.01
N THR C 191 -1.50 8.48 -19.75
CA THR C 191 -1.78 7.73 -20.96
C THR C 191 -2.16 8.69 -22.07
N GLU C 192 -1.69 8.43 -23.27
CA GLU C 192 -1.93 9.31 -24.42
C GLU C 192 -3.37 9.30 -24.90
N THR C 193 -4.20 10.15 -24.29
CA THR C 193 -5.58 10.34 -24.71
C THR C 193 -5.88 11.84 -24.69
N ALA C 194 -7.14 12.17 -24.95
CA ALA C 194 -7.57 13.57 -24.92
C ALA C 194 -7.39 14.18 -23.54
N MET C 195 -7.41 13.35 -22.50
CA MET C 195 -7.32 13.84 -21.13
C MET C 195 -5.95 14.48 -20.85
N VAL C 196 -4.97 14.09 -21.65
CA VAL C 196 -3.60 14.59 -21.52
C VAL C 196 -3.30 15.64 -22.60
N ALA C 197 -4.15 15.71 -23.62
CA ALA C 197 -3.94 16.57 -24.78
C ALA C 197 -3.68 18.05 -24.47
N GLU C 198 -4.33 18.58 -23.45
CA GLU C 198 -4.23 20.01 -23.14
C GLU C 198 -3.09 20.36 -22.18
N VAL C 199 -2.32 19.36 -21.77
CA VAL C 199 -1.18 19.63 -20.90
C VAL C 199 0.01 20.09 -21.76
N PRO C 200 0.73 21.12 -21.29
CA PRO C 200 1.86 21.70 -22.03
C PRO C 200 2.91 20.66 -22.42
N GLU C 201 3.57 20.87 -23.56
CA GLU C 201 4.63 19.97 -24.02
C GLU C 201 5.70 19.82 -22.95
N LYS C 202 5.88 20.87 -22.16
CA LYS C 202 6.89 20.91 -21.11
C LYS C 202 6.58 19.91 -19.99
N VAL C 203 5.34 19.89 -19.52
CA VAL C 203 4.96 18.98 -18.44
C VAL C 203 4.93 17.52 -18.93
N ILE C 204 4.68 17.34 -20.22
CA ILE C 204 4.70 16.01 -20.82
C ILE C 204 6.05 15.33 -20.63
N GLU C 205 7.12 16.07 -20.90
CA GLU C 205 8.46 15.52 -20.74
C GLU C 205 8.76 15.25 -19.27
N LYS C 206 8.21 16.08 -18.40
CA LYS C 206 8.38 15.89 -16.96
C LYS C 206 7.66 14.62 -16.50
N MET C 207 6.46 14.41 -17.04
CA MET C 207 5.70 13.20 -16.75
C MET C 207 6.44 11.96 -17.21
N LYS C 208 6.98 12.01 -18.42
CA LYS C 208 7.78 10.90 -18.95
C LYS C 208 9.01 10.64 -18.09
N ALA C 209 9.58 11.72 -17.54
CA ALA C 209 10.79 11.61 -16.74
C ALA C 209 10.52 10.85 -15.43
N GLN C 210 9.27 10.88 -14.97
CA GLN C 210 8.89 10.15 -13.77
C GLN C 210 8.66 8.67 -14.04
N VAL C 211 8.61 8.29 -15.32
CA VAL C 211 8.34 6.90 -15.68
C VAL C 211 9.63 6.23 -16.14
N PRO C 212 10.08 5.20 -15.40
CA PRO C 212 11.36 4.55 -15.78
C PRO C 212 11.32 3.98 -17.19
N MET C 213 10.15 3.56 -17.67
CA MET C 213 10.04 3.07 -19.05
C MET C 213 10.17 4.19 -20.09
N GLY C 214 10.11 5.45 -19.65
CA GLY C 214 10.39 6.57 -20.51
C GLY C 214 9.32 6.91 -21.54
N ARG C 215 8.11 6.42 -21.32
CA ARG C 215 7.00 6.70 -22.22
C ARG C 215 5.71 6.78 -21.45
N LEU C 216 4.72 7.43 -22.05
CA LEU C 216 3.37 7.43 -21.52
C LEU C 216 2.68 6.14 -21.92
N GLY C 217 1.59 5.81 -21.24
CA GLY C 217 0.79 4.67 -21.61
C GLY C 217 0.06 4.91 -22.92
N LYS C 218 -0.32 3.81 -23.57
CA LYS C 218 -1.16 3.89 -24.74
C LYS C 218 -2.53 3.35 -24.37
N PRO C 219 -3.59 3.80 -25.06
CA PRO C 219 -4.92 3.24 -24.78
C PRO C 219 -4.94 1.73 -24.81
N GLU C 220 -4.22 1.11 -25.74
CA GLU C 220 -4.17 -0.34 -25.79
C GLU C 220 -3.60 -0.99 -24.54
N ASP C 221 -2.64 -0.33 -23.88
CA ASP C 221 -2.09 -0.90 -22.65
C ASP C 221 -3.17 -1.00 -21.59
N ILE C 222 -3.96 0.06 -21.44
CA ILE C 222 -4.97 0.06 -20.40
C ILE C 222 -6.11 -0.89 -20.79
N ALA C 223 -6.50 -0.88 -22.06
CA ALA C 223 -7.51 -1.80 -22.57
C ALA C 223 -7.12 -3.26 -22.29
N ASN C 224 -5.82 -3.57 -22.40
CA ASN C 224 -5.34 -4.91 -22.13
C ASN C 224 -5.52 -5.32 -20.68
N ALA C 225 -5.38 -4.36 -19.76
CA ALA C 225 -5.63 -4.66 -18.36
C ALA C 225 -7.11 -4.84 -18.09
N TYR C 226 -7.96 -4.05 -18.76
CA TYR C 226 -9.40 -4.25 -18.65
C TYR C 226 -9.75 -5.67 -19.11
N LEU C 227 -9.13 -6.11 -20.20
CA LEU C 227 -9.40 -7.44 -20.73
C LEU C 227 -9.00 -8.54 -19.74
N PHE C 228 -7.82 -8.40 -19.15
CA PHE C 228 -7.40 -9.36 -18.13
C PHE C 228 -8.43 -9.46 -17.01
N LEU C 229 -8.84 -8.32 -16.48
CA LEU C 229 -9.76 -8.28 -15.34
C LEU C 229 -11.19 -8.67 -15.69
N ALA C 230 -11.54 -8.67 -16.98
CA ALA C 230 -12.88 -9.04 -17.42
C ALA C 230 -12.98 -10.52 -17.78
N SER C 231 -11.83 -11.18 -17.95
CA SER C 231 -11.80 -12.55 -18.44
C SER C 231 -11.65 -13.57 -17.31
N HIS C 232 -11.78 -14.85 -17.63
CA HIS C 232 -11.62 -15.92 -16.65
CA HIS C 232 -11.62 -15.90 -16.65
C HIS C 232 -10.18 -16.01 -16.14
N GLU C 233 -9.26 -15.40 -16.87
CA GLU C 233 -7.85 -15.44 -16.48
C GLU C 233 -7.55 -14.66 -15.20
N SER C 234 -8.53 -13.91 -14.70
CA SER C 234 -8.41 -13.15 -13.44
C SER C 234 -9.48 -13.57 -12.43
N ASP C 235 -10.03 -14.76 -12.56
CA ASP C 235 -11.11 -15.18 -11.68
C ASP C 235 -10.79 -15.14 -10.18
N TYR C 236 -9.52 -15.33 -9.79
CA TYR C 236 -9.16 -15.26 -8.37
C TYR C 236 -8.52 -13.91 -8.02
N VAL C 237 -8.56 -12.96 -8.95
CA VAL C 237 -8.14 -11.60 -8.65
C VAL C 237 -9.39 -10.85 -8.19
N ASN C 238 -9.40 -10.37 -6.95
CA ASN C 238 -10.57 -9.66 -6.44
C ASN C 238 -10.17 -8.57 -5.46
N GLY C 239 -10.80 -7.42 -5.56
CA GLY C 239 -10.47 -6.31 -4.67
C GLY C 239 -9.09 -5.72 -4.92
N HIS C 240 -8.54 -5.95 -6.09
CA HIS C 240 -7.19 -5.50 -6.39
C HIS C 240 -7.15 -4.23 -7.24
N VAL C 241 -6.16 -3.39 -6.98
CA VAL C 241 -5.89 -2.22 -7.81
C VAL C 241 -4.69 -2.55 -8.71
N LEU C 242 -4.98 -2.80 -9.99
CA LEU C 242 -3.94 -3.15 -10.95
C LEU C 242 -3.38 -1.88 -11.55
N HIS C 243 -2.13 -1.57 -11.23
CA HIS C 243 -1.46 -0.40 -11.80
C HIS C 243 -0.91 -0.72 -13.17
N VAL C 244 -1.15 0.19 -14.11
CA VAL C 244 -0.61 0.10 -15.46
C VAL C 244 0.02 1.46 -15.73
N ASP C 245 1.21 1.66 -15.17
CA ASP C 245 1.77 3.01 -15.07
C ASP C 245 3.26 3.10 -15.38
N GLY C 246 3.81 2.04 -15.95
CA GLY C 246 5.20 2.02 -16.34
C GLY C 246 6.19 2.05 -15.19
N GLY C 247 5.66 1.88 -13.97
CA GLY C 247 6.48 1.97 -12.77
C GLY C 247 6.72 3.40 -12.35
N ILE C 248 5.75 4.27 -12.64
CA ILE C 248 5.91 5.70 -12.36
C ILE C 248 6.30 6.03 -10.92
N MET C 249 7.16 7.02 -10.77
CA MET C 249 7.60 7.51 -9.47
C MET C 249 6.81 8.76 -9.17
N MET C 250 5.99 8.66 -8.13
CA MET C 250 4.99 9.67 -7.84
C MET C 250 4.76 9.72 -6.33
N SER D 9 7.67 12.13 32.30
CA SER D 9 8.56 11.62 31.25
C SER D 9 7.96 10.39 30.56
N ARG D 10 7.85 10.46 29.24
CA ARG D 10 7.11 9.46 28.48
C ARG D 10 7.68 8.07 28.56
N LEU D 11 8.97 7.95 28.86
CA LEU D 11 9.64 6.65 28.90
C LEU D 11 10.29 6.41 30.26
N GLN D 12 9.72 6.98 31.30
CA GLN D 12 10.34 6.90 32.62
C GLN D 12 10.63 5.48 33.07
N ASP D 13 11.91 5.24 33.35
CA ASP D 13 12.44 3.98 33.86
C ASP D 13 12.34 2.80 32.88
N LYS D 14 11.97 3.10 31.64
CA LYS D 14 11.97 2.08 30.60
C LYS D 14 13.38 1.78 30.12
N VAL D 15 13.69 0.49 29.97
CA VAL D 15 15.00 0.08 29.47
C VAL D 15 14.92 -0.10 27.96
N ALA D 16 15.71 0.66 27.22
CA ALA D 16 15.69 0.64 25.76
C ALA D 16 17.04 0.25 25.20
N ILE D 17 17.06 -0.79 24.38
CA ILE D 17 18.24 -1.14 23.60
C ILE D 17 18.08 -0.54 22.22
N ILE D 18 19.02 0.31 21.80
CA ILE D 18 18.96 0.91 20.48
C ILE D 18 20.19 0.46 19.71
N THR D 19 19.98 -0.40 18.73
CA THR D 19 21.14 -0.86 17.96
C THR D 19 21.56 0.21 16.97
N GLY D 20 22.86 0.28 16.71
CA GLY D 20 23.39 1.28 15.80
C GLY D 20 23.35 2.69 16.36
N ALA D 21 23.30 2.83 17.69
CA ALA D 21 23.09 4.14 18.28
C ALA D 21 24.36 4.93 18.63
N ALA D 22 25.52 4.50 18.13
CA ALA D 22 26.73 5.28 18.35
C ALA D 22 26.84 6.47 17.41
N ASN D 23 26.01 6.48 16.36
CA ASN D 23 26.05 7.54 15.36
C ASN D 23 24.65 7.86 14.84
N GLY D 24 24.54 9.00 14.17
CA GLY D 24 23.39 9.27 13.31
C GLY D 24 22.05 9.24 13.99
N ILE D 25 21.08 8.64 13.32
CA ILE D 25 19.72 8.55 13.83
C ILE D 25 19.67 7.91 15.22
N GLY D 26 20.37 6.81 15.38
CA GLY D 26 20.34 6.07 16.63
C GLY D 26 20.89 6.86 17.79
N LEU D 27 21.98 7.60 17.55
CA LEU D 27 22.58 8.44 18.58
C LEU D 27 21.59 9.51 19.05
N GLU D 28 20.93 10.16 18.10
CA GLU D 28 19.96 11.17 18.49
C GLU D 28 18.78 10.54 19.23
N ALA D 29 18.38 9.36 18.81
CA ALA D 29 17.31 8.65 19.52
C ALA D 29 17.73 8.32 20.96
N ALA D 30 18.98 7.94 21.14
CA ALA D 30 19.46 7.66 22.47
C ALA D 30 19.30 8.91 23.35
N ARG D 31 19.69 10.06 22.81
CA ARG D 31 19.57 11.32 23.55
C ARG D 31 18.12 11.71 23.83
N VAL D 32 17.27 11.59 22.82
CA VAL D 32 15.85 11.88 22.97
C VAL D 32 15.22 10.96 24.02
N PHE D 33 15.56 9.68 23.97
CA PHE D 33 15.01 8.71 24.92
C PHE D 33 15.47 9.00 26.35
N MET D 34 16.74 9.39 26.51
CA MET D 34 17.26 9.75 27.82
C MET D 34 16.51 10.96 28.39
N LYS D 35 16.22 11.94 27.53
CA LYS D 35 15.48 13.12 27.96
C LYS D 35 14.07 12.76 28.42
N GLU D 36 13.53 11.67 27.87
CA GLU D 36 12.20 11.21 28.24
C GLU D 36 12.24 10.15 29.34
N GLY D 37 13.38 10.01 30.00
CA GLY D 37 13.47 9.23 31.21
C GLY D 37 13.89 7.78 31.07
N ALA D 38 14.19 7.35 29.85
CA ALA D 38 14.60 5.97 29.62
C ALA D 38 16.03 5.69 30.07
N LYS D 39 16.29 4.44 30.43
CA LYS D 39 17.65 3.94 30.59
C LYS D 39 18.05 3.39 29.24
N VAL D 40 19.03 4.03 28.59
CA VAL D 40 19.36 3.69 27.22
C VAL D 40 20.67 2.92 27.10
N VAL D 41 20.62 1.80 26.37
CA VAL D 41 21.79 1.04 25.98
C VAL D 41 22.02 1.23 24.49
N ILE D 42 23.13 1.88 24.15
CA ILE D 42 23.62 1.96 22.79
C ILE D 42 24.33 0.66 22.49
N ALA D 43 23.85 -0.05 21.49
CA ALA D 43 24.48 -1.30 21.07
C ALA D 43 25.00 -1.10 19.67
N ASP D 44 26.32 -1.06 19.51
CA ASP D 44 26.90 -0.68 18.22
C ASP D 44 28.25 -1.37 18.10
N PHE D 45 28.68 -1.60 16.86
CA PHE D 45 29.95 -2.25 16.61
C PHE D 45 31.13 -1.29 16.70
N ASN D 46 30.84 0.01 16.54
CA ASN D 46 31.86 1.05 16.54
C ASN D 46 32.22 1.45 17.97
N GLU D 47 33.31 0.88 18.48
CA GLU D 47 33.69 1.07 19.88
C GLU D 47 34.09 2.51 20.19
N ALA D 48 34.86 3.13 19.29
CA ALA D 48 35.29 4.51 19.50
C ALA D 48 34.10 5.46 19.56
N ALA D 49 33.17 5.33 18.62
CA ALA D 49 31.99 6.19 18.64
C ALA D 49 31.12 5.91 19.86
N GLY D 50 31.05 4.65 20.27
CA GLY D 50 30.29 4.28 21.44
C GLY D 50 30.84 4.92 22.70
N LYS D 51 32.16 4.87 22.87
CA LYS D 51 32.79 5.47 24.02
C LYS D 51 32.65 7.00 24.01
N GLU D 52 32.68 7.59 22.82
CA GLU D 52 32.46 9.03 22.70
C GLU D 52 31.05 9.43 23.17
N ALA D 53 30.07 8.61 22.80
CA ALA D 53 28.69 8.83 23.22
C ALA D 53 28.55 8.76 24.73
N VAL D 54 29.25 7.81 25.34
CA VAL D 54 29.22 7.67 26.80
C VAL D 54 29.77 8.90 27.50
N GLU D 55 30.86 9.45 26.97
CA GLU D 55 31.45 10.66 27.53
C GLU D 55 30.58 11.90 27.37
N ALA D 56 29.88 11.99 26.23
CA ALA D 56 29.09 13.17 25.90
C ALA D 56 27.73 13.18 26.58
N ASN D 57 27.26 11.99 26.95
CA ASN D 57 25.92 11.84 27.51
C ASN D 57 25.94 11.02 28.78
N PRO D 58 26.32 11.65 29.90
CA PRO D 58 26.38 10.97 31.20
C PRO D 58 25.11 10.17 31.48
N GLY D 59 25.29 8.87 31.74
CA GLY D 59 24.14 8.02 32.01
C GLY D 59 23.82 7.00 30.94
N VAL D 60 24.25 7.25 29.70
CA VAL D 60 24.02 6.27 28.66
C VAL D 60 24.99 5.12 28.84
N VAL D 61 24.55 3.93 28.44
CA VAL D 61 25.37 2.73 28.55
C VAL D 61 25.73 2.29 27.14
N PHE D 62 26.98 1.93 26.92
CA PHE D 62 27.41 1.36 25.66
C PHE D 62 27.86 -0.08 25.82
N ILE D 63 27.30 -0.95 25.00
CA ILE D 63 27.75 -2.34 24.91
C ILE D 63 28.02 -2.64 23.44
N ARG D 64 29.23 -3.10 23.16
CA ARG D 64 29.60 -3.40 21.80
C ARG D 64 28.85 -4.64 21.32
N VAL D 65 28.32 -4.58 20.11
CA VAL D 65 27.66 -5.73 19.50
C VAL D 65 27.88 -5.69 18.01
N ASP D 66 27.92 -6.87 17.40
CA ASP D 66 27.75 -7.01 15.95
C ASP D 66 26.41 -7.71 15.80
N VAL D 67 25.40 -7.00 15.31
CA VAL D 67 24.06 -7.57 15.23
C VAL D 67 23.94 -8.76 14.29
N SER D 68 24.91 -8.92 13.40
CA SER D 68 24.90 -10.03 12.45
C SER D 68 25.46 -11.30 13.09
N ASP D 69 26.04 -11.16 14.28
CA ASP D 69 26.67 -12.27 14.98
C ASP D 69 25.77 -12.66 16.14
N ARG D 70 25.13 -13.82 16.04
CA ARG D 70 24.15 -14.25 17.01
C ARG D 70 24.70 -14.34 18.44
N GLU D 71 25.92 -14.85 18.56
CA GLU D 71 26.54 -14.96 19.87
C GLU D 71 26.80 -13.59 20.48
N SER D 72 27.23 -12.66 19.65
CA SER D 72 27.43 -11.28 20.09
C SER D 72 26.11 -10.68 20.62
N VAL D 73 25.03 -10.93 19.89
CA VAL D 73 23.72 -10.44 20.26
C VAL D 73 23.25 -11.06 21.58
N HIS D 74 23.47 -12.36 21.75
CA HIS D 74 23.04 -12.99 22.98
C HIS D 74 23.81 -12.48 24.20
N ARG D 75 25.10 -12.22 24.03
CA ARG D 75 25.89 -11.61 25.10
C ARG D 75 25.36 -10.21 25.45
N LEU D 76 25.03 -9.43 24.42
CA LEU D 76 24.45 -8.10 24.63
C LEU D 76 23.21 -8.16 25.50
N VAL D 77 22.28 -9.03 25.12
CA VAL D 77 20.99 -9.09 25.78
C VAL D 77 21.11 -9.66 27.19
N GLU D 78 22.00 -10.65 27.37
CA GLU D 78 22.28 -11.18 28.69
C GLU D 78 22.82 -10.07 29.58
N ASN D 79 23.72 -9.27 29.03
CA ASN D 79 24.34 -8.18 29.78
C ASN D 79 23.31 -7.14 30.23
N VAL D 80 22.43 -6.76 29.32
CA VAL D 80 21.40 -5.79 29.65
C VAL D 80 20.43 -6.34 30.69
N ALA D 81 20.00 -7.58 30.51
CA ALA D 81 19.08 -8.23 31.43
C ALA D 81 19.68 -8.40 32.83
N GLU D 82 20.94 -8.83 32.89
CA GLU D 82 21.61 -9.01 34.16
C GLU D 82 21.74 -7.68 34.89
N ARG D 83 21.94 -6.62 34.11
CA ARG D 83 22.16 -5.29 34.69
C ARG D 83 20.88 -4.60 35.12
N PHE D 84 19.84 -4.64 34.29
CA PHE D 84 18.63 -3.86 34.53
C PHE D 84 17.38 -4.68 34.84
N GLY D 85 17.48 -6.00 34.68
CA GLY D 85 16.39 -6.88 35.04
C GLY D 85 15.24 -6.95 34.06
N LYS D 86 15.25 -6.09 33.04
CA LYS D 86 14.14 -6.04 32.09
C LYS D 86 14.59 -5.36 30.81
N ILE D 87 13.86 -5.63 29.73
CA ILE D 87 14.08 -4.93 28.48
C ILE D 87 12.71 -4.50 27.98
N ASP D 88 12.46 -3.21 27.96
CA ASP D 88 11.15 -2.70 27.58
C ASP D 88 11.00 -2.37 26.11
N ILE D 89 12.09 -1.92 25.50
CA ILE D 89 12.08 -1.39 24.15
C ILE D 89 13.30 -1.89 23.40
N LEU D 90 13.10 -2.40 22.19
CA LEU D 90 14.19 -2.71 21.28
C LEU D 90 13.98 -1.91 20.00
N ILE D 91 14.99 -1.13 19.63
CA ILE D 91 14.98 -0.45 18.34
C ILE D 91 16.06 -1.05 17.46
N ASN D 92 15.63 -1.74 16.41
CA ASN D 92 16.53 -2.37 15.46
C ASN D 92 16.91 -1.35 14.40
N ASN D 93 17.88 -0.51 14.74
CA ASN D 93 18.25 0.64 13.95
C ASN D 93 19.60 0.46 13.21
N ALA D 94 20.44 -0.47 13.66
CA ALA D 94 21.70 -0.72 12.97
C ALA D 94 21.47 -1.09 11.51
N GLY D 95 22.29 -0.52 10.62
CA GLY D 95 22.18 -0.85 9.20
C GLY D 95 23.39 -0.37 8.44
N ILE D 96 23.62 -1.00 7.30
CA ILE D 96 24.68 -0.64 6.37
C ILE D 96 24.15 -0.60 4.94
N THR D 97 24.88 0.08 4.06
CA THR D 97 24.63 -0.01 2.63
C THR D 97 25.90 -0.49 1.93
N ARG D 98 25.73 -1.30 0.89
CA ARG D 98 26.81 -1.68 -0.01
C ARG D 98 26.23 -1.64 -1.42
N ASP D 99 26.15 -0.44 -1.98
CA ASP D 99 25.37 -0.23 -3.20
C ASP D 99 26.10 -0.72 -4.43
N SER D 100 25.32 -1.16 -5.42
CA SER D 100 25.83 -1.56 -6.73
C SER D 100 24.64 -1.78 -7.65
N MET D 101 24.80 -1.50 -8.93
CA MET D 101 23.80 -1.91 -9.90
C MET D 101 23.70 -3.44 -9.87
N LEU D 102 22.52 -3.97 -10.15
CA LEU D 102 22.33 -5.41 -10.19
C LEU D 102 23.38 -6.09 -11.06
N SER D 103 23.66 -5.50 -12.22
CA SER D 103 24.56 -6.11 -13.19
C SER D 103 25.98 -6.32 -12.64
N LYS D 104 26.33 -5.57 -11.60
CA LYS D 104 27.67 -5.60 -11.02
C LYS D 104 27.74 -6.08 -9.58
N MET D 105 26.59 -6.28 -8.93
CA MET D 105 26.59 -6.58 -7.51
C MET D 105 27.19 -7.95 -7.22
N THR D 106 28.10 -8.02 -6.25
CA THR D 106 28.71 -9.30 -5.90
C THR D 106 27.85 -10.01 -4.85
N VAL D 107 28.05 -11.31 -4.74
CA VAL D 107 27.36 -12.09 -3.73
C VAL D 107 27.70 -11.56 -2.34
N ASP D 108 28.96 -11.19 -2.15
CA ASP D 108 29.39 -10.65 -0.86
C ASP D 108 28.68 -9.35 -0.52
N GLN D 109 28.55 -8.45 -1.50
CA GLN D 109 27.80 -7.22 -1.28
C GLN D 109 26.36 -7.50 -0.89
N PHE D 110 25.74 -8.47 -1.57
CA PHE D 110 24.36 -8.81 -1.29
C PHE D 110 24.24 -9.40 0.11
N GLN D 111 25.07 -10.41 0.39
CA GLN D 111 24.98 -11.15 1.64
C GLN D 111 25.32 -10.32 2.87
N GLN D 112 26.32 -9.43 2.77
CA GLN D 112 26.68 -8.62 3.94
C GLN D 112 25.50 -7.74 4.39
N VAL D 113 24.81 -7.16 3.41
CA VAL D 113 23.71 -6.28 3.73
C VAL D 113 22.53 -7.07 4.28
N ILE D 114 22.26 -8.25 3.73
CA ILE D 114 21.25 -9.13 4.31
C ILE D 114 21.60 -9.50 5.76
N ASN D 115 22.85 -9.85 5.99
CA ASN D 115 23.30 -10.30 7.31
C ASN D 115 23.04 -9.24 8.39
N VAL D 116 23.39 -7.99 8.08
CA VAL D 116 23.24 -6.94 9.07
C VAL D 116 21.80 -6.42 9.13
N ASN D 117 21.25 -6.10 7.97
CA ASN D 117 20.00 -5.37 7.91
C ASN D 117 18.76 -6.22 8.02
N LEU D 118 18.88 -7.52 7.78
CA LEU D 118 17.73 -8.41 7.86
C LEU D 118 17.92 -9.45 8.95
N THR D 119 18.93 -10.29 8.79
CA THR D 119 19.16 -11.34 9.77
C THR D 119 19.48 -10.77 11.15
N GLY D 120 20.21 -9.66 11.19
CA GLY D 120 20.54 -9.00 12.45
C GLY D 120 19.29 -8.58 13.22
N VAL D 121 18.27 -8.14 12.50
CA VAL D 121 17.00 -7.77 13.12
C VAL D 121 16.31 -9.01 13.71
N PHE D 122 16.35 -10.11 12.97
CA PHE D 122 15.90 -11.40 13.49
C PHE D 122 16.65 -11.79 14.76
N HIS D 123 17.99 -11.71 14.75
CA HIS D 123 18.76 -12.10 15.94
C HIS D 123 18.37 -11.29 17.17
N CYS D 124 18.35 -9.97 17.01
CA CYS D 124 18.11 -9.10 18.16
C CYS D 124 16.71 -9.30 18.72
N THR D 125 15.73 -9.43 17.84
CA THR D 125 14.35 -9.57 18.28
C THR D 125 14.13 -10.90 18.97
N GLN D 126 14.70 -11.96 18.40
CA GLN D 126 14.58 -13.26 19.03
C GLN D 126 15.22 -13.26 20.42
N ALA D 127 16.32 -12.54 20.57
CA ALA D 127 17.04 -12.53 21.84
C ALA D 127 16.31 -11.76 22.93
N VAL D 128 15.64 -10.66 22.58
CA VAL D 128 14.90 -9.89 23.58
C VAL D 128 13.54 -10.50 23.92
N LEU D 129 12.99 -11.26 22.98
CA LEU D 129 11.63 -11.79 23.11
C LEU D 129 11.30 -12.48 24.45
N PRO D 130 12.15 -13.41 24.92
CA PRO D 130 11.79 -14.08 26.17
C PRO D 130 11.59 -13.12 27.33
N TYR D 131 12.36 -12.04 27.34
CA TYR D 131 12.27 -11.06 28.41
C TYR D 131 10.96 -10.30 28.31
N MET D 132 10.61 -9.87 27.11
CA MET D 132 9.36 -9.14 26.92
C MET D 132 8.15 -10.04 27.17
N ALA D 133 8.23 -11.29 26.73
CA ALA D 133 7.14 -12.23 26.95
C ALA D 133 6.91 -12.50 28.44
N GLU D 134 8.00 -12.59 29.20
CA GLU D 134 7.88 -12.86 30.62
C GLU D 134 7.24 -11.68 31.35
N GLN D 135 7.51 -10.47 30.89
CA GLN D 135 6.94 -9.28 31.51
C GLN D 135 5.53 -8.96 30.99
N GLY D 136 5.18 -9.55 29.86
CA GLY D 136 3.88 -9.32 29.25
C GLY D 136 3.75 -7.93 28.65
N LYS D 137 4.89 -7.34 28.31
CA LYS D 137 4.89 -6.02 27.69
C LYS D 137 6.22 -5.79 26.97
N GLY D 138 6.17 -5.02 25.90
CA GLY D 138 7.37 -4.68 25.16
C GLY D 138 7.03 -3.88 23.92
N LYS D 139 8.02 -3.14 23.42
CA LYS D 139 7.88 -2.41 22.17
C LYS D 139 9.06 -2.76 21.31
N ILE D 140 8.78 -3.18 20.08
CA ILE D 140 9.82 -3.45 19.09
C ILE D 140 9.62 -2.46 17.95
N ILE D 141 10.68 -1.77 17.58
CA ILE D 141 10.63 -0.79 16.50
C ILE D 141 11.73 -1.14 15.51
N ASN D 142 11.34 -1.44 14.29
CA ASN D 142 12.29 -1.85 13.26
C ASN D 142 12.50 -0.76 12.22
N THR D 143 13.73 -0.49 11.88
CA THR D 143 14.00 0.56 10.91
C THR D 143 14.05 -0.01 9.50
N SER D 144 13.07 0.35 8.70
CA SER D 144 13.06 0.04 7.28
C SER D 144 13.63 1.24 6.50
N SER D 145 13.06 1.54 5.33
CA SER D 145 13.52 2.65 4.49
C SER D 145 12.53 2.82 3.37
N VAL D 146 12.43 4.04 2.84
CA VAL D 146 11.71 4.28 1.59
C VAL D 146 12.27 3.40 0.47
N THR D 147 13.54 3.02 0.53
CA THR D 147 14.08 2.11 -0.47
C THR D 147 13.42 0.72 -0.39
N GLY D 148 13.09 0.30 0.83
CA GLY D 148 12.36 -0.94 1.03
C GLY D 148 10.95 -0.90 0.49
N THR D 149 10.27 0.22 0.65
CA THR D 149 8.87 0.34 0.25
C THR D 149 8.74 0.65 -1.24
N TYR D 150 9.72 1.32 -1.83
CA TYR D 150 9.57 1.85 -3.18
C TYR D 150 10.63 1.37 -4.18
N GLY D 151 11.67 0.72 -3.67
CA GLY D 151 12.82 0.37 -4.49
C GLY D 151 13.71 1.58 -4.75
N ASN D 152 14.97 1.34 -5.10
CA ASN D 152 15.86 2.46 -5.44
C ASN D 152 17.02 1.92 -6.25
N VAL D 153 17.32 2.57 -7.37
CA VAL D 153 18.41 2.16 -8.25
C VAL D 153 19.71 2.01 -7.46
N GLY D 154 20.41 0.90 -7.70
CA GLY D 154 21.70 0.66 -7.07
C GLY D 154 21.59 -0.03 -5.72
N GLN D 155 20.37 -0.35 -5.28
CA GLN D 155 20.19 -0.86 -3.93
C GLN D 155 19.44 -2.19 -3.83
N THR D 156 19.69 -3.11 -4.76
CA THR D 156 19.03 -4.41 -4.74
C THR D 156 19.06 -5.04 -3.35
N ASN D 157 20.25 -5.05 -2.75
CA ASN D 157 20.45 -5.70 -1.46
C ASN D 157 19.77 -4.99 -0.29
N TYR D 158 19.93 -3.68 -0.24
CA TYR D 158 19.36 -2.86 0.82
C TYR D 158 17.84 -2.89 0.71
N ALA D 159 17.31 -2.84 -0.51
CA ALA D 159 15.87 -2.90 -0.71
C ALA D 159 15.34 -4.26 -0.27
N ALA D 160 16.05 -5.33 -0.61
CA ALA D 160 15.66 -6.66 -0.17
C ALA D 160 15.57 -6.71 1.35
N ALA D 161 16.62 -6.24 2.02
CA ALA D 161 16.66 -6.30 3.48
C ALA D 161 15.60 -5.43 4.13
N LYS D 162 15.49 -4.18 3.68
CA LYS D 162 14.58 -3.24 4.30
C LYS D 162 13.11 -3.60 4.03
N ALA D 163 12.80 -4.14 2.85
CA ALA D 163 11.46 -4.66 2.62
C ALA D 163 11.22 -5.90 3.47
N GLY D 164 12.23 -6.76 3.58
CA GLY D 164 12.11 -7.95 4.41
C GLY D 164 11.81 -7.62 5.86
N VAL D 165 12.41 -6.53 6.35
CA VAL D 165 12.14 -6.05 7.70
C VAL D 165 10.64 -5.76 7.90
N ILE D 166 9.99 -5.25 6.87
CA ILE D 166 8.56 -4.98 6.95
C ILE D 166 7.78 -6.29 7.03
N GLY D 167 8.14 -7.28 6.23
CA GLY D 167 7.50 -8.57 6.33
C GLY D 167 7.60 -9.18 7.73
N MET D 168 8.79 -9.09 8.33
CA MET D 168 8.93 -9.59 9.70
C MET D 168 8.12 -8.76 10.70
N THR D 169 8.13 -7.45 10.52
CA THR D 169 7.37 -6.55 11.41
C THR D 169 5.90 -6.93 11.45
N LYS D 170 5.32 -7.16 10.28
CA LYS D 170 3.90 -7.50 10.20
C LYS D 170 3.61 -8.87 10.80
N THR D 171 4.51 -9.82 10.55
CA THR D 171 4.40 -11.15 11.13
C THR D 171 4.46 -11.09 12.65
N TRP D 172 5.44 -10.36 13.16
CA TRP D 172 5.62 -10.25 14.61
C TRP D 172 4.48 -9.50 15.30
N ALA D 173 3.92 -8.49 14.63
CA ALA D 173 2.77 -7.80 15.21
C ALA D 173 1.64 -8.81 15.43
N LYS D 174 1.43 -9.71 14.47
CA LYS D 174 0.42 -10.74 14.63
C LYS D 174 0.75 -11.77 15.69
N GLU D 175 2.01 -12.23 15.71
CA GLU D 175 2.41 -13.29 16.62
C GLU D 175 2.51 -12.86 18.08
N LEU D 176 2.96 -11.63 18.29
CA LEU D 176 3.36 -11.19 19.63
C LEU D 176 2.32 -10.33 20.33
N ALA D 177 1.24 -10.00 19.62
CA ALA D 177 0.21 -9.14 20.19
C ALA D 177 -0.33 -9.73 21.49
N ARG D 178 -0.59 -11.03 21.48
CA ARG D 178 -1.12 -11.74 22.65
C ARG D 178 -0.16 -11.72 23.84
N LYS D 179 1.08 -11.30 23.60
CA LYS D 179 2.10 -11.21 24.66
C LYS D 179 2.22 -9.79 25.20
N GLY D 180 1.36 -8.88 24.74
CA GLY D 180 1.40 -7.49 25.17
C GLY D 180 2.51 -6.67 24.49
N ILE D 181 2.99 -7.17 23.37
CA ILE D 181 4.08 -6.53 22.66
C ILE D 181 3.58 -5.85 21.38
N ASN D 182 3.97 -4.59 21.19
CA ASN D 182 3.70 -3.87 19.94
C ASN D 182 4.93 -3.99 19.05
N VAL D 183 4.70 -4.16 17.75
CA VAL D 183 5.78 -4.23 16.77
C VAL D 183 5.43 -3.34 15.59
N ASN D 184 6.29 -2.37 15.31
CA ASN D 184 6.08 -1.41 14.24
C ASN D 184 7.38 -1.14 13.54
N ALA D 185 7.28 -0.49 12.38
CA ALA D 185 8.48 -0.10 11.64
C ALA D 185 8.44 1.39 11.30
N VAL D 186 9.62 1.94 11.06
CA VAL D 186 9.73 3.31 10.56
C VAL D 186 10.41 3.22 9.21
N ALA D 187 9.88 3.94 8.22
CA ALA D 187 10.54 4.08 6.93
C ALA D 187 11.03 5.53 6.80
N PRO D 188 12.29 5.78 7.20
CA PRO D 188 12.82 7.11 6.95
C PRO D 188 12.99 7.37 5.46
N GLY D 189 12.78 8.63 5.09
CA GLY D 189 13.25 9.09 3.80
C GLY D 189 14.72 9.42 3.93
N PHE D 190 15.25 10.10 2.93
CA PHE D 190 16.67 10.45 2.96
C PHE D 190 16.93 11.44 4.09
N THR D 191 17.91 11.09 4.94
CA THR D 191 18.16 11.77 6.21
C THR D 191 19.63 12.10 6.33
N GLU D 192 19.94 13.28 6.88
CA GLU D 192 21.30 13.77 6.96
C GLU D 192 22.14 13.05 8.03
N THR D 193 22.79 11.96 7.61
CA THR D 193 23.68 11.18 8.46
C THR D 193 24.87 10.75 7.62
N ALA D 194 25.76 9.98 8.23
CA ALA D 194 26.93 9.46 7.51
C ALA D 194 26.53 8.57 6.34
N MET D 195 25.33 7.99 6.40
CA MET D 195 24.88 7.09 5.35
C MET D 195 24.66 7.83 4.02
N VAL D 196 24.42 9.13 4.09
CA VAL D 196 24.19 9.95 2.91
C VAL D 196 25.43 10.80 2.59
N ALA D 197 26.36 10.86 3.54
CA ALA D 197 27.54 11.73 3.42
C ALA D 197 28.42 11.50 2.19
N GLU D 198 28.35 10.30 1.61
CA GLU D 198 29.21 9.95 0.48
C GLU D 198 28.59 10.21 -0.90
N VAL D 199 27.32 10.59 -0.93
CA VAL D 199 26.67 10.90 -2.20
C VAL D 199 27.09 12.28 -2.69
N PRO D 200 27.26 12.43 -4.01
CA PRO D 200 27.64 13.72 -4.60
C PRO D 200 26.59 14.81 -4.33
N GLU D 201 27.03 16.06 -4.27
CA GLU D 201 26.13 17.16 -3.95
C GLU D 201 25.03 17.33 -4.98
N LYS D 202 25.35 17.04 -6.23
CA LYS D 202 24.37 17.07 -7.32
C LYS D 202 23.27 16.06 -7.03
N VAL D 203 23.64 14.91 -6.47
CA VAL D 203 22.69 13.88 -6.12
C VAL D 203 21.85 14.30 -4.91
N ILE D 204 22.47 15.02 -3.97
CA ILE D 204 21.76 15.56 -2.82
C ILE D 204 20.62 16.45 -3.28
N GLU D 205 20.89 17.31 -4.27
CA GLU D 205 19.84 18.18 -4.80
C GLU D 205 18.76 17.38 -5.53
N LYS D 206 19.15 16.25 -6.12
CA LYS D 206 18.19 15.38 -6.79
C LYS D 206 17.29 14.72 -5.77
N MET D 207 17.88 14.27 -4.66
CA MET D 207 17.12 13.68 -3.56
C MET D 207 16.12 14.70 -3.00
N LYS D 208 16.60 15.92 -2.76
CA LYS D 208 15.75 16.98 -2.25
C LYS D 208 14.64 17.31 -3.23
N ALA D 209 14.94 17.24 -4.51
CA ALA D 209 13.97 17.56 -5.56
C ALA D 209 12.77 16.62 -5.50
N GLN D 210 12.99 15.40 -5.03
CA GLN D 210 11.93 14.41 -4.91
C GLN D 210 11.06 14.64 -3.67
N VAL D 211 11.50 15.52 -2.78
CA VAL D 211 10.79 15.76 -1.53
C VAL D 211 10.05 17.09 -1.63
N PRO D 212 8.72 17.05 -1.60
CA PRO D 212 7.98 18.31 -1.75
C PRO D 212 8.33 19.34 -0.66
N MET D 213 8.71 18.88 0.52
CA MET D 213 9.14 19.79 1.57
C MET D 213 10.49 20.46 1.28
N GLY D 214 11.23 19.93 0.32
CA GLY D 214 12.45 20.59 -0.15
C GLY D 214 13.64 20.49 0.79
N ARG D 215 13.61 19.52 1.68
CA ARG D 215 14.73 19.29 2.59
C ARG D 215 14.84 17.82 2.91
N LEU D 216 16.01 17.41 3.39
CA LEU D 216 16.21 16.04 3.85
C LEU D 216 15.76 15.93 5.31
N GLY D 217 15.62 14.70 5.77
CA GLY D 217 15.28 14.43 7.16
C GLY D 217 16.45 14.74 8.08
N LYS D 218 16.13 15.00 9.34
CA LYS D 218 17.13 15.17 10.37
C LYS D 218 17.10 13.93 11.26
N PRO D 219 18.25 13.57 11.85
CA PRO D 219 18.23 12.48 12.81
C PRO D 219 17.13 12.65 13.86
N GLU D 220 16.93 13.87 14.36
CA GLU D 220 15.87 14.14 15.33
C GLU D 220 14.48 13.80 14.82
N ASP D 221 14.23 14.02 13.53
CA ASP D 221 12.91 13.71 12.98
C ASP D 221 12.64 12.22 13.13
N ILE D 222 13.63 11.40 12.80
CA ILE D 222 13.45 9.96 12.87
C ILE D 222 13.39 9.52 14.33
N ALA D 223 14.25 10.08 15.17
CA ALA D 223 14.24 9.80 16.60
C ALA D 223 12.87 10.10 17.21
N ASN D 224 12.22 11.16 16.74
CA ASN D 224 10.89 11.51 17.22
C ASN D 224 9.85 10.46 16.89
N ALA D 225 9.99 9.82 15.72
CA ALA D 225 9.09 8.75 15.34
C ALA D 225 9.37 7.50 16.18
N TYR D 226 10.64 7.22 16.47
CA TYR D 226 10.95 6.12 17.38
C TYR D 226 10.30 6.36 18.74
N LEU D 227 10.39 7.60 19.23
CA LEU D 227 9.80 7.95 20.51
C LEU D 227 8.29 7.71 20.53
N PHE D 228 7.61 8.15 19.49
CA PHE D 228 6.18 7.91 19.39
C PHE D 228 5.86 6.42 19.50
N LEU D 229 6.56 5.62 18.70
CA LEU D 229 6.30 4.18 18.63
C LEU D 229 6.76 3.42 19.86
N ALA D 230 7.59 4.04 20.70
CA ALA D 230 8.06 3.38 21.93
C ALA D 230 7.22 3.74 23.15
N SER D 231 6.42 4.80 23.03
CA SER D 231 5.64 5.33 24.13
C SER D 231 4.22 4.77 24.17
N HIS D 232 3.51 5.06 25.26
CA HIS D 232 2.13 4.62 25.42
CA HIS D 232 2.14 4.61 25.42
C HIS D 232 1.22 5.32 24.44
N GLU D 233 1.70 6.43 23.87
CA GLU D 233 0.88 7.20 22.93
C GLU D 233 0.65 6.49 21.60
N SER D 234 1.32 5.34 21.40
CA SER D 234 1.11 4.52 20.22
C SER D 234 0.68 3.10 20.59
N ASP D 235 0.08 2.92 21.75
CA ASP D 235 -0.30 1.58 22.21
C ASP D 235 -1.25 0.81 21.26
N TYR D 236 -2.06 1.53 20.46
CA TYR D 236 -2.94 0.85 19.50
C TYR D 236 -2.41 0.94 18.08
N VAL D 237 -1.17 1.40 17.93
CA VAL D 237 -0.49 1.31 16.64
C VAL D 237 0.27 0.00 16.62
N ASN D 238 -0.05 -0.89 15.68
CA ASN D 238 0.63 -2.18 15.64
C ASN D 238 0.70 -2.67 14.20
N GLY D 239 1.86 -3.20 13.83
CA GLY D 239 2.04 -3.72 12.47
C GLY D 239 2.09 -2.62 11.42
N HIS D 240 2.41 -1.40 11.84
CA HIS D 240 2.35 -0.25 10.93
C HIS D 240 3.75 0.18 10.49
N VAL D 241 3.84 0.64 9.24
CA VAL D 241 5.07 1.24 8.74
C VAL D 241 4.88 2.76 8.72
N LEU D 242 5.52 3.43 9.67
CA LEU D 242 5.42 4.88 9.81
C LEU D 242 6.47 5.55 8.94
N HIS D 243 6.03 6.22 7.88
CA HIS D 243 6.95 6.93 7.00
C HIS D 243 7.30 8.29 7.56
N VAL D 244 8.58 8.61 7.55
CA VAL D 244 9.09 9.93 7.97
C VAL D 244 9.98 10.40 6.83
N ASP D 245 9.35 10.86 5.76
CA ASP D 245 10.06 11.00 4.49
C ASP D 245 9.73 12.30 3.74
N GLY D 246 9.03 13.22 4.42
CA GLY D 246 8.71 14.49 3.82
C GLY D 246 7.72 14.41 2.67
N GLY D 247 7.06 13.27 2.53
CA GLY D 247 6.16 13.04 1.40
C GLY D 247 6.88 12.73 0.11
N ILE D 248 8.03 12.07 0.21
CA ILE D 248 8.90 11.84 -0.94
C ILE D 248 8.21 11.12 -2.10
N MET D 249 8.51 11.59 -3.31
CA MET D 249 7.99 11.00 -4.54
C MET D 249 9.01 10.02 -5.04
N MET D 250 8.63 8.75 -5.04
CA MET D 250 9.57 7.67 -5.27
C MET D 250 8.85 6.49 -5.92
PA NAI E . -18.82 10.35 17.11
O1A NAI E . -20.21 10.13 16.58
O2A NAI E . -18.70 10.07 18.57
O5B NAI E . -18.36 11.82 16.80
C5B NAI E . -18.62 12.38 15.56
C4B NAI E . -18.83 13.87 15.77
O4B NAI E . -18.87 14.53 14.55
C3B NAI E . -20.11 14.15 16.52
O3B NAI E . -19.90 14.96 17.64
C2B NAI E . -20.96 14.77 15.47
O2B NAI E . -21.91 15.69 15.94
C1B NAI E . -19.96 15.40 14.58
N9A NAI E . -20.49 15.69 13.26
C8A NAI E . -21.09 14.84 12.40
N7A NAI E . -21.46 15.50 11.30
C5A NAI E . -21.11 16.79 11.42
C6A NAI E . -21.22 17.93 10.64
N6A NAI E . -21.87 17.89 9.36
N1A NAI E . -20.74 19.11 11.06
C2A NAI E . -20.13 19.23 12.25
N3A NAI E . -20.00 18.14 13.07
C4A NAI E . -20.47 16.93 12.68
O3 NAI E . -17.86 9.33 16.34
PN NAI E . -16.28 9.18 16.32
O1N NAI E . -16.07 7.70 16.36
O2N NAI E . -15.65 9.94 17.45
O5D NAI E . -15.88 9.81 14.93
C5D NAI E . -14.84 10.71 14.77
C4D NAI E . -14.17 10.37 13.37
O4D NAI E . -13.46 9.11 13.39
C3D NAI E . -15.14 10.33 12.16
O3D NAI E . -14.62 10.99 11.08
C2D NAI E . -15.27 8.88 11.96
O2D NAI E . -15.69 8.60 10.68
C1D NAI E . -13.87 8.42 12.25
N1N NAI E . -13.65 7.01 12.43
C2N NAI E . -14.32 6.36 13.50
C3N NAI E . -14.06 5.05 13.80
C7N NAI E . -14.73 4.35 14.91
O7N NAI E . -14.73 3.13 14.95
N7N NAI E . -15.37 5.07 15.97
C4N NAI E . -13.08 4.25 13.01
C5N NAI E . -12.46 4.99 11.86
C6N NAI E . -12.76 6.29 11.61
PA NAI F . 5.24 -26.46 -4.64
O1A NAI F . 5.84 -27.09 -3.42
O2A NAI F . 4.19 -27.30 -5.30
O5B NAI F . 6.33 -26.09 -5.71
C5B NAI F . 7.56 -25.58 -5.30
C4B NAI F . 8.60 -26.10 -6.25
O4B NAI F . 9.81 -25.42 -6.00
C3B NAI F . 8.86 -27.57 -6.10
O3B NAI F . 8.73 -28.30 -7.29
C2B NAI F . 10.22 -27.61 -5.49
O2B NAI F . 10.95 -28.75 -5.81
C1B NAI F . 10.84 -26.37 -6.05
N9A NAI F . 12.00 -25.95 -5.29
C8A NAI F . 12.12 -25.81 -3.95
N7A NAI F . 13.35 -25.41 -3.64
C5A NAI F . 14.07 -25.30 -4.78
C6A NAI F . 15.38 -24.93 -5.11
N6A NAI F . 16.31 -24.60 -4.09
N1A NAI F . 15.76 -24.90 -6.39
C2A NAI F . 14.93 -25.23 -7.38
N3A NAI F . 13.65 -25.59 -7.13
C4A NAI F . 13.22 -25.63 -5.85
O3 NAI F . 4.56 -25.13 -4.09
PN NAI F . 3.86 -23.94 -4.85
O1N NAI F . 2.69 -23.56 -4.01
O2N NAI F . 3.54 -24.26 -6.26
O5D NAI F . 4.96 -22.80 -4.79
C5D NAI F . 5.30 -22.07 -5.92
C4D NAI F . 5.61 -20.61 -5.39
O4D NAI F . 4.40 -19.89 -4.98
C3D NAI F . 6.62 -20.50 -4.21
O3D NAI F . 7.52 -19.46 -4.38
C2D NAI F . 5.72 -20.28 -3.08
O2D NAI F . 6.40 -19.66 -2.04
C1D NAI F . 4.71 -19.36 -3.72
N1N NAI F . 3.45 -19.12 -3.02
C2N NAI F . 2.64 -20.26 -2.75
C3N NAI F . 1.41 -20.10 -2.17
C7N NAI F . 0.50 -21.23 -1.87
O7N NAI F . -0.44 -21.05 -1.08
N7N NAI F . 0.67 -22.50 -2.49
C4N NAI F . 0.89 -18.75 -1.77
C5N NAI F . 1.83 -17.62 -2.08
C6N NAI F . 3.04 -17.83 -2.66
N1A CAA G . -2.38 -17.72 11.51
C2A CAA G . -3.02 -17.45 12.68
N3A CAA G . -2.80 -18.14 13.80
C4A CAA G . -1.88 -19.16 13.80
C5A CAA G . -1.17 -19.46 12.56
C6A CAA G . -1.47 -18.70 11.45
N6A CAA G . -0.79 -18.97 10.23
N7A CAA G . -0.29 -20.57 12.91
C8A CAA G . -0.51 -20.83 14.23
N9A CAA G . -1.39 -20.01 14.59
C1B CAA G . -1.82 -20.02 15.94
C2B CAA G . -2.61 -21.22 16.26
O2B CAA G . -4.02 -20.96 16.08
C3B CAA G . -2.33 -21.50 17.68
O3B CAA G . -3.29 -20.79 18.49
P3B CAA G . -3.60 -21.26 19.98
O7A CAA G . -2.36 -21.11 20.84
O8A CAA G . -4.71 -20.40 20.57
O9A CAA G . -4.04 -22.72 19.98
C4B CAA G . -1.00 -20.97 17.96
O4B CAA G . -0.63 -20.05 16.82
C5B CAA G . 0.02 -22.05 18.10
O5B CAA G . -0.07 -22.98 17.01
P1A CAA G . 0.73 -24.38 17.10
O1A CAA G . 0.21 -25.17 18.27
O2A CAA G . 0.50 -25.17 15.83
O3A CAA G . 2.28 -24.12 17.28
P2A CAA G . 3.45 -25.13 16.77
O4A CAA G . 3.10 -26.56 17.15
O5A CAA G . 4.76 -24.75 17.42
O6A CAA G . 3.58 -25.03 15.21
CBP CAA G . 3.62 -23.77 13.16
CCP CAA G . 3.87 -23.75 14.66
CDP CAA G . 4.57 -24.74 12.49
CEP CAA G . 3.84 -22.39 12.63
CAP CAA G . 2.16 -24.23 12.91
OAP CAA G . 1.36 -23.75 13.93
C9P CAA G . 1.57 -23.67 11.59
O9P CAA G . 0.53 -23.05 11.64
N8P CAA G . 2.22 -23.90 10.30
C7P CAA G . 1.64 -23.35 9.10
C6P CAA G . 1.74 -21.82 9.14
C5P CAA G . 1.20 -21.22 7.84
O5P CAA G . 0.16 -20.61 7.85
N4P CAA G . 1.94 -21.38 6.61
C3P CAA G . 1.41 -20.78 5.36
C2P CAA G . 0.62 -21.84 4.55
S1P CAA G . 1.34 -22.14 2.95
C1 CAA G . 2.56 -20.93 2.51
O1 CAA G . 3.56 -20.75 3.17
C2 CAA G . 2.45 -20.29 1.16
C3 CAA G . 2.17 -18.84 1.37
O3 CAA G . 2.68 -18.01 0.63
C4 CAA G . 1.28 -18.39 2.48
PA NAI H . -11.05 10.33 -22.90
O1A NAI H . -11.40 11.78 -22.89
O2A NAI H . -10.42 9.91 -24.20
O5B NAI H . -12.33 9.43 -22.64
C5B NAI H . -13.22 9.76 -21.62
C4B NAI H . -14.64 9.51 -22.08
O4B NAI H . -15.53 9.64 -21.02
C3B NAI H . -15.04 10.44 -23.18
O3B NAI H . -15.45 9.76 -24.34
C2B NAI H . -16.15 11.21 -22.55
O2B NAI H . -17.15 11.62 -23.41
C1B NAI H . -16.67 10.26 -21.53
N9A NAI H . -17.43 10.94 -20.50
C8A NAI H . -17.07 12.01 -19.77
N7A NAI H . -18.06 12.32 -18.92
C5A NAI H . -19.08 11.45 -19.09
C6A NAI H . -20.35 11.27 -18.53
N6A NAI H . -20.83 12.16 -17.52
N1A NAI H . -21.14 10.28 -18.94
C2A NAI H . -20.75 9.43 -19.90
N3A NAI H . -19.53 9.57 -20.51
C4A NAI H . -18.69 10.56 -20.10
O3 NAI H . -10.02 10.09 -21.70
PN NAI H . -9.42 8.71 -21.21
O1N NAI H . -7.99 9.00 -20.87
O2N NAI H . -9.61 7.60 -22.21
O5D NAI H . -10.24 8.41 -19.90
C5D NAI H . -10.75 7.16 -19.61
C4D NAI H . -10.56 6.97 -18.05
O4D NAI H . -9.17 6.74 -17.67
C3D NAI H . -11.12 8.10 -17.14
O3D NAI H . -11.82 7.60 -16.07
C2D NAI H . -9.89 8.78 -16.74
O2D NAI H . -10.08 9.51 -15.57
C1D NAI H . -8.97 7.59 -16.57
N1N NAI H . -7.55 7.84 -16.43
C2N NAI H . -6.91 8.48 -17.52
C3N NAI H . -5.55 8.70 -17.50
C7N NAI H . -4.83 9.36 -18.63
O7N NAI H . -3.68 9.77 -18.45
N7N NAI H . -5.42 9.47 -19.92
C4N NAI H . -4.71 8.28 -16.32
C5N NAI H . -5.49 7.61 -15.23
C6N NAI H . -6.83 7.41 -15.30
PA NAI I . 24.78 5.73 10.52
O1A NAI I . 25.88 5.20 9.65
O2A NAI I . 25.00 7.13 11.00
O5B NAI I . 24.54 4.78 11.76
C5B NAI I . 24.57 3.40 11.58
C4B NAI I . 25.14 2.76 12.82
O4B NAI I . 24.96 1.38 12.74
C3B NAI I . 26.59 3.07 12.99
O3B NAI I . 26.90 3.66 14.22
C2B NAI I . 27.24 1.74 12.81
O2B NAI I . 28.42 1.54 13.50
C1B NAI I . 26.14 0.81 13.21
N9A NAI I . 26.33 -0.53 12.67
C8A NAI I . 26.55 -0.91 11.39
N7A NAI I . 26.66 -2.23 11.33
C5A NAI I . 26.53 -2.76 12.57
C6A NAI I . 26.56 -4.04 13.12
N6A NAI I . 26.80 -5.19 12.32
N1A NAI I . 26.37 -4.20 14.43
C2A NAI I . 26.15 -3.16 15.26
N3A NAI I . 26.12 -1.89 14.77
C4A NAI I . 26.31 -1.68 13.44
O3 NAI I . 23.45 5.69 9.65
PN NAI I . 21.98 6.15 9.97
O1N NAI I . 21.64 7.05 8.83
O2N NAI I . 21.82 6.81 11.29
O5D NAI I . 21.22 4.78 9.93
C5D NAI I . 20.41 4.33 10.97
C4D NAI I . 19.32 3.44 10.25
O4D NAI I . 18.39 4.21 9.43
C3D NAI I . 19.86 2.29 9.36
O3D NAI I . 19.13 1.14 9.55
C2D NAI I . 19.67 2.86 8.02
O2D NAI I . 19.62 1.85 7.06
C1D NAI I . 18.34 3.56 8.20
N1N NAI I . 17.94 4.49 7.16
C2N NAI I . 18.79 5.60 6.93
C3N NAI I . 18.42 6.56 6.01
C7N NAI I . 19.26 7.75 5.74
O7N NAI I . 19.01 8.42 4.74
N7N NAI I . 20.29 8.15 6.63
C4N NAI I . 17.13 6.48 5.24
C5N NAI I . 16.31 5.27 5.55
C6N NAI I . 16.73 4.34 6.47
#